data_5RAL
#
_entry.id   5RAL
#
_cell.length_a   57.600
_cell.length_b   93.690
_cell.length_c   93.434
_cell.angle_alpha   90.000
_cell.angle_beta   108.030
_cell.angle_gamma   90.000
#
_symmetry.space_group_name_H-M   'P 1 21 1'
#
loop_
_entity.id
_entity.type
_entity.pdbx_description
1 polymer 'Lysine-specific demethylase 3B'
2 non-polymer 'CHLORIDE ION'
3 non-polymer 'MANGANESE (II) ION'
4 non-polymer 5-azanyl-2-pyrrol-1-yl-benzenecarbonitrile
5 water water
#
_entity_poly.entity_id   1
_entity_poly.type   'polypeptide(L)'
_entity_poly.pdbx_seq_one_letter_code
;MHHHHHHSSGVDLGTENLYFQSMTSHSWLCDGRLLCLHDPSNKNNWKIFRECWKQGQPVLVSGVHKKLKSELWKPEAFSQ
EFGDQDVDLVNCRNCAIISDVKVRDFWDGFEIICKRLRSEDGQPMVLKLKDWPPGEDFRDMMPTRFEDLMENLPLPEYTK
RDGRLNLASRLPSYFVRPDLGPKMYNAYGLITAEDRRVGTTNLHLDVSDAVNVMVYVGIPIGEGAHDEEVLKTIDEGDAD
EVTKERIHDHKEKPGALWHIYAAKDAEKIRELLRKVGEEQGQENPPDHDPIHDQSWYLDQTLRKRLYEEYGVQGWAIVQF
LGDAVFIPAGAPHQVHNLYSCIKVAEDFVSPEHVKHCFRLTQEFRHLSNTHT
;
_entity_poly.pdbx_strand_id   A,B
#
loop_
_chem_comp.id
_chem_comp.type
_chem_comp.name
_chem_comp.formula
CL non-polymer 'CHLORIDE ION' 'Cl -1'
MN non-polymer 'MANGANESE (II) ION' 'Mn 2'
SNQ non-polymer 5-azanyl-2-pyrrol-1-yl-benzenecarbonitrile 'C11 H9 N3'
#
# COMPACT_ATOMS: atom_id res chain seq x y z
N SER A 22 -8.40 -1.25 50.72
CA SER A 22 -7.64 0.04 50.61
C SER A 22 -7.30 0.32 49.13
N MET A 23 -7.13 1.61 48.79
N MET A 23 -7.14 1.60 48.76
CA MET A 23 -6.51 2.08 47.53
CA MET A 23 -6.64 2.00 47.41
C MET A 23 -5.10 1.49 47.45
C MET A 23 -5.14 1.68 47.32
N THR A 24 -4.76 0.87 46.32
CA THR A 24 -3.38 0.38 46.07
C THR A 24 -2.93 0.88 44.68
N SER A 25 -1.64 0.94 44.46
CA SER A 25 -1.06 1.44 43.19
C SER A 25 -1.36 0.47 42.01
N HIS A 26 -1.39 -0.84 42.23
CA HIS A 26 -1.49 -1.87 41.16
C HIS A 26 -1.87 -3.24 41.75
N SER A 27 -2.15 -4.18 40.87
CA SER A 27 -2.45 -5.62 41.12
C SER A 27 -2.04 -6.41 39.87
N TRP A 28 -2.20 -7.73 39.92
CA TRP A 28 -1.79 -8.65 38.83
C TRP A 28 -3.02 -9.45 38.33
N LEU A 29 -3.11 -9.66 37.04
CA LEU A 29 -4.05 -10.62 36.43
C LEU A 29 -3.22 -11.68 35.69
N CYS A 30 -3.91 -12.63 35.04
CA CYS A 30 -3.31 -13.72 34.24
C CYS A 30 -2.25 -14.43 35.11
N ASP A 31 -2.57 -14.65 36.40
CA ASP A 31 -1.71 -15.38 37.36
C ASP A 31 -0.32 -14.73 37.52
N GLY A 32 -0.22 -13.40 37.61
CA GLY A 32 1.03 -12.63 37.77
C GLY A 32 1.66 -12.18 36.46
N ARG A 33 1.13 -12.60 35.31
CA ARG A 33 1.74 -12.31 34.00
C ARG A 33 1.25 -10.95 33.45
N LEU A 34 0.23 -10.32 34.04
CA LEU A 34 -0.31 -9.03 33.47
C LEU A 34 -0.37 -7.97 34.57
N LEU A 35 0.39 -6.87 34.44
CA LEU A 35 0.28 -5.69 35.33
C LEU A 35 -1.07 -4.98 35.15
N CYS A 36 -1.78 -4.71 36.25
N CYS A 36 -1.72 -4.64 36.27
CA CYS A 36 -2.99 -3.84 36.28
CA CYS A 36 -2.97 -3.85 36.33
C CYS A 36 -2.75 -2.60 37.16
C CYS A 36 -2.77 -2.59 37.18
N LEU A 37 -2.55 -1.45 36.53
CA LEU A 37 -2.37 -0.16 37.23
C LEU A 37 -3.73 0.40 37.63
N HIS A 38 -3.84 0.95 38.84
CA HIS A 38 -5.19 1.33 39.39
C HIS A 38 -5.55 2.80 39.19
N ASP A 39 -4.58 3.68 39.11
CA ASP A 39 -4.77 5.15 39.07
C ASP A 39 -4.20 5.67 37.75
N PRO A 40 -5.07 6.05 36.78
CA PRO A 40 -4.60 6.40 35.45
C PRO A 40 -3.67 7.63 35.43
N SER A 41 -3.72 8.49 36.45
CA SER A 41 -3.02 9.79 36.45
C SER A 41 -1.93 9.83 37.53
N ASN A 42 -1.57 8.68 38.10
CA ASN A 42 -0.47 8.65 39.09
C ASN A 42 0.87 8.89 38.39
N LYS A 43 1.58 9.94 38.82
CA LYS A 43 2.85 10.42 38.20
C LYS A 43 3.99 9.39 38.31
N ASN A 44 3.87 8.40 39.20
CA ASN A 44 4.86 7.32 39.43
C ASN A 44 4.56 6.00 38.64
N ASN A 45 3.54 5.96 37.78
CA ASN A 45 3.18 4.71 37.05
C ASN A 45 4.36 4.19 36.17
N TRP A 46 5.12 5.08 35.54
CA TRP A 46 6.22 4.70 34.62
C TRP A 46 7.18 3.70 35.31
N LYS A 47 7.40 3.83 36.62
CA LYS A 47 8.41 3.01 37.36
C LYS A 47 8.04 1.52 37.32
N ILE A 48 6.78 1.18 37.49
CA ILE A 48 6.22 -0.21 37.46
C ILE A 48 6.05 -0.63 35.99
N PHE A 49 5.51 0.28 35.18
CA PHE A 49 5.18 0.05 33.76
C PHE A 49 6.38 -0.39 32.92
N ARG A 50 7.49 0.34 33.07
N ARG A 50 7.50 0.32 33.05
CA ARG A 50 8.68 0.23 32.17
CA ARG A 50 8.62 0.17 32.08
C ARG A 50 9.28 -1.18 32.24
C ARG A 50 9.27 -1.22 32.23
N GLU A 51 9.31 -1.79 33.43
CA GLU A 51 9.87 -3.16 33.67
C GLU A 51 9.05 -4.22 32.89
N CYS A 52 7.71 -4.15 32.94
CA CYS A 52 6.83 -5.12 32.25
C CYS A 52 6.86 -4.89 30.74
N TRP A 53 6.85 -3.63 30.32
CA TRP A 53 6.80 -3.24 28.89
C TRP A 53 8.07 -3.70 28.16
N LYS A 54 9.22 -3.64 28.84
CA LYS A 54 10.53 -4.02 28.21
C LYS A 54 10.53 -5.52 27.95
N GLN A 55 9.76 -6.33 28.67
CA GLN A 55 9.68 -7.80 28.52
C GLN A 55 8.72 -8.19 27.40
N GLY A 56 8.06 -7.23 26.76
CA GLY A 56 7.15 -7.58 25.64
C GLY A 56 5.74 -7.86 26.11
N GLN A 57 5.41 -7.52 27.37
CA GLN A 57 4.05 -7.82 27.91
C GLN A 57 3.05 -6.69 27.59
N PRO A 58 1.75 -7.02 27.35
CA PRO A 58 0.69 -6.02 27.44
C PRO A 58 0.52 -5.55 28.89
N VAL A 59 -0.14 -4.40 29.09
CA VAL A 59 -0.43 -3.79 30.41
C VAL A 59 -1.90 -3.30 30.39
N LEU A 60 -2.61 -3.45 31.51
CA LEU A 60 -3.97 -2.89 31.68
C LEU A 60 -3.92 -1.68 32.64
N VAL A 61 -4.64 -0.56 32.34
CA VAL A 61 -4.76 0.55 33.33
C VAL A 61 -6.27 0.77 33.53
N SER A 62 -6.77 0.63 34.75
CA SER A 62 -8.22 0.77 35.00
C SER A 62 -8.57 2.22 35.39
N GLY A 63 -9.85 2.63 35.23
CA GLY A 63 -10.38 3.87 35.82
C GLY A 63 -10.40 5.06 34.89
N VAL A 64 -10.09 4.91 33.60
CA VAL A 64 -9.94 6.08 32.68
C VAL A 64 -11.32 6.77 32.51
N HIS A 65 -12.40 5.99 32.59
CA HIS A 65 -13.81 6.50 32.44
C HIS A 65 -14.10 7.63 33.42
N LYS A 66 -13.59 7.51 34.66
CA LYS A 66 -13.81 8.47 35.77
C LYS A 66 -13.13 9.80 35.45
N LYS A 67 -12.20 9.86 34.50
CA LYS A 67 -11.46 11.09 34.13
C LYS A 67 -12.12 11.82 32.95
N LEU A 68 -13.03 11.16 32.21
CA LEU A 68 -13.60 11.68 30.94
C LEU A 68 -14.92 12.42 31.20
N LYS A 69 -15.34 13.22 30.23
CA LYS A 69 -16.69 13.85 30.18
C LYS A 69 -17.67 12.82 29.60
N SER A 70 -18.38 12.09 30.46
CA SER A 70 -19.16 10.88 30.10
C SER A 70 -20.28 11.19 29.07
N GLU A 71 -20.82 12.41 29.05
CA GLU A 71 -21.87 12.84 28.08
C GLU A 71 -21.34 12.88 26.62
N LEU A 72 -20.02 13.05 26.41
CA LEU A 72 -19.37 13.06 25.06
C LEU A 72 -19.29 11.64 24.44
N TRP A 73 -19.44 10.58 25.23
CA TRP A 73 -19.05 9.20 24.80
C TRP A 73 -20.29 8.28 24.77
N LYS A 74 -21.45 8.84 24.47
CA LYS A 74 -22.73 8.07 24.49
C LYS A 74 -23.21 7.82 23.07
N PRO A 75 -23.84 6.66 22.79
CA PRO A 75 -24.30 6.36 21.44
C PRO A 75 -25.35 7.37 20.92
N GLU A 76 -26.27 7.82 21.78
CA GLU A 76 -27.33 8.80 21.36
C GLU A 76 -26.72 10.11 20.87
N ALA A 77 -25.62 10.59 21.48
CA ALA A 77 -24.94 11.83 21.05
C ALA A 77 -24.32 11.66 19.67
N PHE A 78 -23.64 10.54 19.40
CA PHE A 78 -23.04 10.30 18.07
C PHE A 78 -24.14 10.29 17.02
N SER A 79 -25.26 9.66 17.31
CA SER A 79 -26.39 9.57 16.34
C SER A 79 -26.96 10.97 16.05
N GLN A 80 -27.23 11.74 17.11
CA GLN A 80 -27.82 13.11 17.01
C GLN A 80 -26.87 14.02 16.24
N GLU A 81 -25.56 14.02 16.55
CA GLU A 81 -24.59 14.96 15.95
C GLU A 81 -24.14 14.54 14.54
N PHE A 82 -24.03 13.23 14.22
CA PHE A 82 -23.36 12.76 12.99
C PHE A 82 -24.24 11.82 12.15
N GLY A 83 -25.52 11.64 12.52
CA GLY A 83 -26.39 10.56 12.02
C GLY A 83 -26.62 10.57 10.52
N ASP A 84 -26.52 11.75 9.90
CA ASP A 84 -26.76 11.94 8.43
C ASP A 84 -25.57 11.56 7.56
N GLN A 85 -24.38 11.30 8.12
CA GLN A 85 -23.21 10.85 7.33
C GLN A 85 -23.43 9.49 6.68
N ASP A 86 -22.90 9.34 5.47
CA ASP A 86 -22.91 8.05 4.69
C ASP A 86 -21.73 7.17 5.17
N VAL A 87 -21.93 5.85 5.27
CA VAL A 87 -20.92 4.91 5.84
C VAL A 87 -21.18 3.52 5.34
N ASP A 88 -20.18 2.63 5.46
CA ASP A 88 -20.39 1.17 5.25
C ASP A 88 -20.33 0.49 6.62
N LEU A 89 -21.06 -0.61 6.78
CA LEU A 89 -21.02 -1.47 7.99
C LEU A 89 -20.46 -2.85 7.60
N VAL A 90 -20.04 -3.62 8.59
CA VAL A 90 -19.67 -5.05 8.36
C VAL A 90 -20.56 -5.95 9.21
N ASN A 91 -21.08 -7.02 8.62
CA ASN A 91 -21.76 -8.11 9.35
C ASN A 91 -20.67 -8.99 9.99
N CYS A 92 -20.57 -9.01 11.34
CA CYS A 92 -19.50 -9.75 12.08
C CYS A 92 -19.63 -11.28 11.88
N ARG A 93 -20.84 -11.81 11.64
CA ARG A 93 -21.09 -13.27 11.50
C ARG A 93 -20.51 -13.81 10.18
N ASN A 94 -20.49 -13.04 9.09
CA ASN A 94 -19.99 -13.53 7.76
C ASN A 94 -19.00 -12.56 7.09
N CYS A 95 -18.61 -11.46 7.72
CA CYS A 95 -17.68 -10.45 7.12
C CYS A 95 -18.26 -9.75 5.87
N ALA A 96 -19.56 -9.91 5.53
CA ALA A 96 -20.22 -9.18 4.42
C ALA A 96 -20.26 -7.68 4.69
N ILE A 97 -20.14 -6.88 3.63
CA ILE A 97 -20.17 -5.39 3.71
C ILE A 97 -21.60 -4.90 3.42
N ILE A 98 -22.17 -4.10 4.31
CA ILE A 98 -23.45 -3.40 4.07
C ILE A 98 -23.08 -2.01 3.58
N SER A 99 -23.23 -1.78 2.26
CA SER A 99 -22.71 -0.54 1.59
C SER A 99 -23.68 0.64 1.67
N ASP A 100 -23.15 1.83 1.90
CA ASP A 100 -23.81 3.14 1.63
C ASP A 100 -25.11 3.24 2.44
N VAL A 101 -25.00 3.10 3.75
CA VAL A 101 -26.13 3.42 4.68
C VAL A 101 -25.75 4.67 5.50
N LYS A 102 -26.57 5.02 6.48
CA LYS A 102 -26.39 6.24 7.30
C LYS A 102 -25.80 5.84 8.65
N VAL A 103 -24.98 6.71 9.20
CA VAL A 103 -24.39 6.48 10.56
C VAL A 103 -25.51 6.27 11.58
N ARG A 104 -26.68 6.91 11.45
CA ARG A 104 -27.76 6.62 12.45
C ARG A 104 -28.29 5.17 12.39
N ASP A 105 -28.26 4.49 11.23
CA ASP A 105 -28.74 3.08 11.08
C ASP A 105 -28.01 2.23 12.14
N PHE A 106 -26.68 2.36 12.21
CA PHE A 106 -25.83 1.72 13.24
C PHE A 106 -26.31 2.18 14.65
N TRP A 107 -26.04 3.49 14.94
CA TRP A 107 -26.16 3.98 16.35
C TRP A 107 -27.54 3.72 16.99
N ASP A 108 -28.63 3.83 16.22
CA ASP A 108 -29.98 3.69 16.82
C ASP A 108 -30.28 2.24 17.23
N GLY A 109 -29.55 1.24 16.69
CA GLY A 109 -29.65 -0.17 17.08
C GLY A 109 -28.58 -0.61 18.12
N PHE A 110 -27.79 0.29 18.66
CA PHE A 110 -26.60 -0.08 19.50
C PHE A 110 -27.03 -0.84 20.76
N GLU A 111 -28.14 -0.43 21.39
CA GLU A 111 -28.70 -1.04 22.63
C GLU A 111 -30.11 -1.59 22.45
N ILE A 112 -30.94 -1.02 21.57
CA ILE A 112 -32.33 -1.51 21.32
C ILE A 112 -32.31 -2.52 20.19
N ILE A 113 -32.41 -3.80 20.51
CA ILE A 113 -32.23 -4.88 19.52
C ILE A 113 -33.31 -4.77 18.43
N CYS A 114 -34.56 -4.36 18.80
CA CYS A 114 -35.77 -4.18 17.90
C CYS A 114 -35.53 -3.03 16.91
N LYS A 115 -34.30 -2.51 16.75
CA LYS A 115 -34.06 -1.40 15.78
C LYS A 115 -32.88 -1.74 14.88
N ARG A 116 -32.29 -2.93 15.02
CA ARG A 116 -31.14 -3.35 14.21
C ARG A 116 -31.58 -3.78 12.81
N LEU A 117 -30.75 -3.49 11.82
CA LEU A 117 -30.89 -4.05 10.46
C LEU A 117 -30.92 -5.59 10.53
N ARG A 118 -31.81 -6.22 9.73
CA ARG A 118 -32.03 -7.70 9.75
C ARG A 118 -31.39 -8.39 8.56
N SER A 119 -30.81 -9.57 8.81
CA SER A 119 -30.30 -10.47 7.73
C SER A 119 -31.52 -11.15 7.05
N GLU A 120 -31.29 -11.74 5.87
CA GLU A 120 -32.31 -12.56 5.14
C GLU A 120 -33.10 -13.45 6.10
N ASP A 121 -32.43 -14.08 7.07
CA ASP A 121 -33.06 -15.08 7.98
C ASP A 121 -33.98 -14.39 9.00
N GLY A 122 -34.14 -13.06 8.94
CA GLY A 122 -34.98 -12.27 9.88
C GLY A 122 -34.39 -12.07 11.27
N GLN A 123 -33.10 -12.37 11.50
CA GLN A 123 -32.46 -12.13 12.82
C GLN A 123 -31.87 -10.72 12.82
N PRO A 124 -31.78 -10.03 13.97
CA PRO A 124 -31.06 -8.76 14.03
C PRO A 124 -29.54 -9.02 13.87
N MET A 125 -28.87 -8.22 13.05
CA MET A 125 -27.45 -8.47 12.69
C MET A 125 -26.53 -7.95 13.80
N VAL A 126 -25.35 -8.56 13.90
CA VAL A 126 -24.27 -8.09 14.80
C VAL A 126 -23.33 -7.29 13.91
N LEU A 127 -23.33 -5.96 14.03
CA LEU A 127 -22.69 -5.05 13.05
C LEU A 127 -21.49 -4.33 13.69
N LYS A 128 -20.55 -3.93 12.84
CA LYS A 128 -19.39 -3.05 13.12
C LYS A 128 -19.47 -1.83 12.17
N LEU A 129 -19.22 -0.65 12.69
CA LEU A 129 -19.10 0.62 11.91
C LEU A 129 -17.69 0.70 11.32
N LYS A 130 -17.58 0.65 10.01
CA LYS A 130 -16.27 0.58 9.28
C LYS A 130 -15.69 1.97 9.05
N ASP A 131 -14.38 2.14 9.32
CA ASP A 131 -13.60 3.36 8.97
C ASP A 131 -14.37 4.64 9.30
N TRP A 132 -14.75 4.83 10.56
CA TRP A 132 -15.51 6.03 10.99
C TRP A 132 -14.99 6.51 12.35
N PRO A 133 -14.69 7.81 12.52
CA PRO A 133 -14.54 8.78 11.44
C PRO A 133 -13.46 8.37 10.44
N PRO A 134 -13.60 8.73 9.15
CA PRO A 134 -12.75 8.15 8.12
C PRO A 134 -11.31 8.72 8.19
N GLY A 135 -10.32 7.84 7.95
CA GLY A 135 -8.87 8.16 7.92
C GLY A 135 -8.41 8.90 9.15
N GLU A 136 -7.89 10.12 8.97
CA GLU A 136 -7.24 10.96 10.03
C GLU A 136 -8.17 12.10 10.44
N ASP A 137 -9.45 12.04 10.07
CA ASP A 137 -10.44 13.13 10.28
C ASP A 137 -11.02 13.20 11.71
N PHE A 138 -10.61 12.35 12.66
CA PHE A 138 -11.19 12.34 14.03
C PHE A 138 -11.06 13.73 14.64
N ARG A 139 -9.88 14.33 14.58
CA ARG A 139 -9.62 15.63 15.27
C ARG A 139 -10.51 16.74 14.67
N ASP A 140 -10.61 16.79 13.33
CA ASP A 140 -11.39 17.83 12.59
C ASP A 140 -12.89 17.66 12.90
N MET A 141 -13.39 16.42 12.84
CA MET A 141 -14.84 16.13 13.03
C MET A 141 -15.23 16.30 14.51
N MET A 142 -14.35 15.90 15.44
CA MET A 142 -14.71 15.78 16.87
C MET A 142 -13.66 16.47 17.78
N PRO A 143 -13.46 17.80 17.72
CA PRO A 143 -12.39 18.44 18.49
C PRO A 143 -12.54 18.40 20.01
N THR A 144 -13.74 18.44 20.59
CA THR A 144 -13.95 18.41 22.06
C THR A 144 -13.61 16.99 22.56
N ARG A 145 -14.04 15.94 21.84
CA ARG A 145 -13.69 14.51 22.13
C ARG A 145 -12.19 14.30 22.03
N PHE A 146 -11.55 14.84 21.00
CA PHE A 146 -10.09 14.69 20.80
C PHE A 146 -9.36 15.21 22.05
N GLU A 147 -9.68 16.45 22.47
CA GLU A 147 -9.09 17.09 23.68
C GLU A 147 -9.34 16.25 24.93
N ASP A 148 -10.58 15.76 25.13
CA ASP A 148 -10.98 14.98 26.33
C ASP A 148 -10.17 13.68 26.42
N LEU A 149 -9.94 13.04 25.29
CA LEU A 149 -9.18 11.75 25.27
C LEU A 149 -7.70 12.08 25.52
N MET A 150 -7.09 12.95 24.71
CA MET A 150 -5.60 13.11 24.72
C MET A 150 -5.10 13.61 26.07
N GLU A 151 -5.88 14.42 26.79
CA GLU A 151 -5.52 15.01 28.12
C GLU A 151 -5.70 14.01 29.27
N ASN A 152 -6.35 12.86 29.04
CA ASN A 152 -6.62 11.85 30.09
C ASN A 152 -5.99 10.48 29.74
N LEU A 153 -5.21 10.35 28.68
CA LEU A 153 -4.55 9.04 28.43
C LEU A 153 -3.56 8.76 29.56
N PRO A 154 -3.43 7.51 30.02
CA PRO A 154 -2.39 7.15 30.97
C PRO A 154 -1.01 7.06 30.31
N LEU A 155 0.05 7.05 31.14
CA LEU A 155 1.47 7.01 30.69
C LEU A 155 1.72 8.09 29.62
N PRO A 156 1.45 9.39 29.94
CA PRO A 156 1.43 10.44 28.92
C PRO A 156 2.78 10.70 28.23
N GLU A 157 3.91 10.37 28.88
CA GLU A 157 5.24 10.54 28.22
C GLU A 157 5.37 9.58 27.04
N TYR A 158 4.73 8.42 27.10
CA TYR A 158 4.65 7.40 26.02
C TYR A 158 3.53 7.75 25.04
N THR A 159 2.35 8.15 25.51
CA THR A 159 1.14 8.07 24.65
C THR A 159 0.74 9.43 23.99
N LYS A 160 1.19 10.55 24.50
CA LYS A 160 0.84 11.88 23.90
C LYS A 160 1.69 12.11 22.63
N ARG A 161 1.15 12.87 21.67
CA ARG A 161 1.73 12.95 20.30
C ARG A 161 3.19 13.44 20.41
N ASP A 162 3.43 14.34 21.37
CA ASP A 162 4.72 15.01 21.70
C ASP A 162 5.31 14.54 23.06
N GLY A 163 4.95 13.36 23.57
CA GLY A 163 5.55 12.86 24.82
C GLY A 163 7.03 12.64 24.62
N ARG A 164 7.81 12.79 25.68
CA ARG A 164 9.30 12.63 25.63
C ARG A 164 9.70 11.19 25.25
N LEU A 165 8.87 10.15 25.49
CA LEU A 165 9.20 8.75 25.12
C LEU A 165 8.38 8.25 23.96
N ASN A 166 7.73 9.15 23.20
CA ASN A 166 7.07 8.75 21.95
C ASN A 166 7.97 9.17 20.78
N LEU A 167 8.51 8.23 20.03
CA LEU A 167 9.45 8.57 18.94
C LEU A 167 8.65 8.81 17.63
N ALA A 168 7.31 8.82 17.67
CA ALA A 168 6.49 8.87 16.42
C ALA A 168 6.96 10.03 15.53
N SER A 169 7.11 11.23 16.11
CA SER A 169 7.41 12.50 15.39
C SER A 169 8.91 12.69 15.17
N ARG A 170 9.75 11.73 15.56
CA ARG A 170 11.20 11.94 15.73
C ARG A 170 11.97 10.96 14.83
N LEU A 171 11.32 10.16 13.99
CA LEU A 171 12.03 9.05 13.31
C LEU A 171 12.20 9.36 11.82
N PRO A 172 13.33 8.99 11.19
CA PRO A 172 13.41 9.14 9.73
C PRO A 172 12.57 8.10 9.00
N SER A 173 12.58 8.19 7.66
CA SER A 173 11.72 7.39 6.76
C SER A 173 12.09 5.91 6.71
N TYR A 174 13.22 5.53 7.30
CA TYR A 174 13.68 4.12 7.48
C TYR A 174 12.81 3.39 8.52
N PHE A 175 11.98 4.13 9.26
CA PHE A 175 11.00 3.59 10.23
C PHE A 175 9.58 3.96 9.80
N VAL A 176 8.69 2.96 9.72
CA VAL A 176 7.23 3.13 9.45
C VAL A 176 6.62 3.96 10.59
N ARG A 177 5.98 5.08 10.25
CA ARG A 177 5.39 6.02 11.22
C ARG A 177 3.89 5.81 11.30
N PRO A 178 3.25 5.83 12.49
CA PRO A 178 1.80 5.69 12.58
C PRO A 178 1.07 6.86 11.91
N ASP A 179 -0.11 6.65 11.32
CA ASP A 179 -1.01 7.77 10.92
C ASP A 179 -1.40 8.52 12.19
N LEU A 180 -1.92 9.75 12.00
CA LEU A 180 -2.53 10.59 13.04
C LEU A 180 -3.88 9.96 13.45
N GLY A 181 -4.06 9.82 14.75
CA GLY A 181 -5.22 9.11 15.35
C GLY A 181 -5.97 10.17 16.12
N PRO A 182 -6.81 9.79 17.07
CA PRO A 182 -7.12 8.38 17.31
C PRO A 182 -8.02 7.67 16.27
N LYS A 183 -8.22 6.38 16.45
CA LYS A 183 -9.12 5.49 15.67
C LYS A 183 -10.22 4.96 16.61
N MET A 184 -11.46 4.87 16.14
CA MET A 184 -12.56 4.27 16.95
C MET A 184 -12.82 2.85 16.51
N TYR A 185 -13.27 2.01 17.45
CA TYR A 185 -13.72 0.63 17.25
C TYR A 185 -15.13 0.56 17.83
N ASN A 186 -16.13 0.53 16.94
CA ASN A 186 -17.56 0.63 17.33
C ASN A 186 -18.28 -0.60 16.80
N ALA A 187 -18.82 -1.45 17.67
CA ALA A 187 -19.42 -2.73 17.23
C ALA A 187 -20.39 -3.28 18.26
N TYR A 188 -21.41 -4.01 17.78
CA TYR A 188 -22.42 -4.62 18.68
C TYR A 188 -21.76 -5.81 19.42
N GLY A 189 -22.35 -6.33 20.51
CA GLY A 189 -21.92 -7.58 21.17
C GLY A 189 -22.35 -8.82 20.41
N LEU A 190 -21.54 -9.87 20.48
CA LEU A 190 -21.89 -11.18 19.92
C LEU A 190 -22.78 -11.86 20.96
N ILE A 191 -23.76 -12.60 20.51
CA ILE A 191 -24.95 -12.97 21.31
C ILE A 191 -25.02 -14.49 21.57
N THR A 192 -24.98 -15.31 20.51
CA THR A 192 -25.41 -16.73 20.54
C THR A 192 -24.25 -17.64 20.93
N ALA A 193 -24.54 -18.93 21.18
CA ALA A 193 -23.54 -20.01 21.34
C ALA A 193 -22.71 -20.15 20.06
N GLU A 194 -23.33 -20.12 18.88
CA GLU A 194 -22.61 -20.14 17.57
C GLU A 194 -21.64 -18.93 17.47
N ASP A 195 -22.04 -17.75 17.98
CA ASP A 195 -21.24 -16.50 17.90
C ASP A 195 -19.97 -16.65 18.77
N ARG A 196 -19.88 -17.65 19.63
CA ARG A 196 -18.73 -17.81 20.58
C ARG A 196 -17.43 -18.00 19.80
N ARG A 197 -17.51 -18.62 18.62
CA ARG A 197 -16.32 -18.91 17.76
C ARG A 197 -16.04 -17.76 16.78
N VAL A 198 -16.76 -16.63 16.85
CA VAL A 198 -16.64 -15.52 15.84
C VAL A 198 -15.81 -14.38 16.44
N GLY A 199 -15.03 -13.69 15.61
CA GLY A 199 -14.30 -12.50 16.07
C GLY A 199 -15.09 -11.21 15.81
N THR A 200 -14.97 -10.23 16.67
CA THR A 200 -15.36 -8.83 16.35
C THR A 200 -14.28 -8.26 15.44
N THR A 201 -13.02 -8.38 15.87
CA THR A 201 -11.81 -8.10 15.07
C THR A 201 -10.94 -9.36 15.07
N ASN A 202 -10.67 -9.90 13.89
CA ASN A 202 -9.90 -11.14 13.70
C ASN A 202 -8.42 -10.92 14.06
N LEU A 203 -7.70 -12.01 14.27
CA LEU A 203 -6.26 -11.99 14.62
C LEU A 203 -5.42 -11.21 13.59
N HIS A 204 -4.58 -10.30 14.06
CA HIS A 204 -3.71 -9.39 13.26
C HIS A 204 -2.60 -8.83 14.15
N LEU A 205 -1.69 -8.05 13.58
CA LEU A 205 -0.69 -7.26 14.37
C LEU A 205 -0.54 -5.86 13.76
N ASP A 206 -0.01 -4.93 14.54
CA ASP A 206 0.20 -3.47 14.27
C ASP A 206 1.73 -3.25 14.43
N VAL A 207 2.43 -2.53 13.53
CA VAL A 207 3.89 -2.29 13.67
C VAL A 207 4.23 -1.20 14.70
N SER A 208 3.24 -0.43 15.16
N SER A 208 3.24 -0.44 15.16
CA SER A 208 3.39 0.57 16.26
CA SER A 208 3.39 0.56 16.24
C SER A 208 2.75 0.02 17.54
C SER A 208 2.78 0.01 17.53
N ASP A 209 3.15 0.58 18.69
CA ASP A 209 2.49 0.33 19.96
C ASP A 209 1.13 1.02 19.88
N ALA A 210 0.20 0.67 20.75
CA ALA A 210 -1.07 1.44 20.86
C ALA A 210 -1.64 1.30 22.26
N VAL A 211 -2.50 2.25 22.64
CA VAL A 211 -3.38 2.15 23.84
C VAL A 211 -4.86 2.21 23.40
N ASN A 212 -5.65 1.23 23.79
CA ASN A 212 -7.08 1.10 23.38
C ASN A 212 -7.91 1.33 24.66
N VAL A 213 -8.73 2.38 24.67
CA VAL A 213 -9.57 2.74 25.85
C VAL A 213 -11.06 2.39 25.60
N MET A 214 -11.68 1.66 26.54
CA MET A 214 -13.15 1.34 26.56
C MET A 214 -13.89 2.52 27.19
N VAL A 215 -14.58 3.32 26.36
CA VAL A 215 -15.21 4.62 26.80
C VAL A 215 -16.71 4.40 27.03
N TYR A 216 -17.31 3.31 26.55
CA TYR A 216 -18.76 3.04 26.76
C TYR A 216 -19.06 1.57 26.50
N VAL A 217 -19.84 0.95 27.38
CA VAL A 217 -20.41 -0.42 27.25
C VAL A 217 -21.94 -0.35 27.32
N GLY A 218 -22.58 -0.88 26.29
CA GLY A 218 -24.04 -0.86 26.10
C GLY A 218 -24.59 -2.25 26.33
N ILE A 219 -25.32 -2.42 27.42
CA ILE A 219 -26.00 -3.71 27.76
C ILE A 219 -27.44 -3.60 27.28
N PRO A 220 -27.85 -4.37 26.24
CA PRO A 220 -29.14 -4.14 25.58
C PRO A 220 -30.39 -4.45 26.42
N ILE A 221 -31.54 -4.22 25.75
CA ILE A 221 -32.93 -4.46 26.21
C ILE A 221 -33.75 -4.92 24.99
N GLY A 222 -34.80 -5.72 25.25
CA GLY A 222 -35.64 -6.40 24.24
C GLY A 222 -35.38 -7.90 24.26
N GLU A 223 -34.13 -8.28 23.96
CA GLU A 223 -33.52 -9.56 24.41
C GLU A 223 -32.56 -9.21 25.57
N GLY A 224 -33.10 -8.60 26.62
CA GLY A 224 -32.39 -8.25 27.87
C GLY A 224 -32.61 -9.29 28.95
N ALA A 225 -31.54 -10.01 29.33
CA ALA A 225 -31.49 -11.25 30.14
C ALA A 225 -30.49 -12.23 29.50
N HIS A 226 -29.39 -11.69 28.92
CA HIS A 226 -28.39 -12.38 28.07
C HIS A 226 -27.14 -12.66 28.91
N ASP A 227 -27.32 -12.76 30.23
CA ASP A 227 -26.27 -12.65 31.27
C ASP A 227 -25.41 -13.92 31.31
N GLU A 228 -25.98 -15.10 30.99
CA GLU A 228 -25.33 -16.43 31.27
C GLU A 228 -24.44 -16.88 30.10
N GLU A 229 -24.78 -16.56 28.85
CA GLU A 229 -23.90 -16.87 27.68
C GLU A 229 -22.58 -16.08 27.81
N VAL A 230 -22.64 -14.87 28.37
CA VAL A 230 -21.45 -13.98 28.62
C VAL A 230 -20.51 -14.68 29.63
N LEU A 231 -21.01 -15.36 30.66
CA LEU A 231 -20.15 -16.07 31.67
C LEU A 231 -19.44 -17.29 31.07
N LYS A 232 -20.16 -18.08 30.26
N LYS A 232 -20.18 -18.09 30.30
CA LYS A 232 -19.61 -19.27 29.57
CA LYS A 232 -19.66 -19.26 29.54
C LYS A 232 -18.57 -18.84 28.53
C LYS A 232 -18.56 -18.81 28.57
N THR A 233 -18.72 -17.65 27.94
CA THR A 233 -17.75 -17.11 26.95
C THR A 233 -16.41 -16.76 27.64
N ILE A 234 -16.47 -16.08 28.77
CA ILE A 234 -15.29 -15.68 29.60
C ILE A 234 -14.59 -16.92 30.15
N ASP A 235 -15.36 -17.91 30.64
CA ASP A 235 -14.83 -19.18 31.19
C ASP A 235 -14.07 -19.99 30.11
N GLU A 236 -14.73 -20.24 28.99
CA GLU A 236 -14.17 -20.99 27.83
C GLU A 236 -13.07 -20.15 27.18
N GLY A 237 -13.13 -18.83 27.35
CA GLY A 237 -12.10 -17.89 26.87
C GLY A 237 -10.80 -18.01 27.65
N ASP A 238 -10.79 -18.75 28.78
CA ASP A 238 -9.56 -19.04 29.58
C ASP A 238 -9.25 -17.86 30.53
N ALA A 239 -10.25 -17.04 30.88
CA ALA A 239 -10.08 -15.90 31.80
C ALA A 239 -9.65 -16.41 33.19
N ASP A 240 -8.81 -15.66 33.91
CA ASP A 240 -8.23 -16.16 35.20
C ASP A 240 -9.27 -15.94 36.30
N GLU A 241 -9.06 -16.60 37.45
CA GLU A 241 -10.05 -16.57 38.56
C GLU A 241 -10.15 -15.14 39.12
N VAL A 242 -9.02 -14.40 39.23
CA VAL A 242 -9.06 -13.02 39.78
C VAL A 242 -9.94 -12.13 38.86
N THR A 243 -9.88 -12.34 37.55
CA THR A 243 -10.67 -11.57 36.55
C THR A 243 -12.16 -11.92 36.75
N LYS A 244 -12.47 -13.17 37.06
CA LYS A 244 -13.88 -13.60 37.28
C LYS A 244 -14.44 -12.87 38.52
N GLU A 245 -13.57 -12.44 39.45
CA GLU A 245 -14.03 -11.76 40.70
C GLU A 245 -14.54 -10.33 40.40
N ARG A 246 -13.99 -9.58 39.43
CA ARG A 246 -14.41 -8.16 39.10
C ARG A 246 -15.89 -8.08 38.71
N ILE A 247 -16.42 -9.13 38.07
CA ILE A 247 -17.84 -9.25 37.65
C ILE A 247 -18.71 -9.48 38.90
N HIS A 248 -18.45 -10.59 39.58
CA HIS A 248 -19.34 -11.15 40.65
C HIS A 248 -19.30 -10.26 41.91
N ASP A 249 -18.21 -9.51 42.17
CA ASP A 249 -17.97 -8.84 43.48
C ASP A 249 -18.13 -7.31 43.39
N HIS A 250 -17.63 -6.64 42.34
CA HIS A 250 -17.63 -5.15 42.18
C HIS A 250 -18.69 -4.68 41.18
N LYS A 251 -19.32 -5.60 40.43
CA LYS A 251 -20.40 -5.35 39.42
C LYS A 251 -19.94 -4.34 38.34
N GLU A 252 -18.66 -4.34 37.95
CA GLU A 252 -18.15 -3.55 36.79
C GLU A 252 -18.74 -4.13 35.49
N LYS A 253 -18.87 -3.32 34.44
CA LYS A 253 -19.47 -3.70 33.14
C LYS A 253 -18.40 -4.26 32.21
N PRO A 254 -18.39 -5.57 31.87
CA PRO A 254 -17.39 -6.16 30.96
C PRO A 254 -17.77 -5.88 29.51
N GLY A 255 -16.84 -5.36 28.73
CA GLY A 255 -17.04 -4.95 27.33
C GLY A 255 -16.64 -6.04 26.36
N ALA A 256 -15.36 -6.50 26.42
CA ALA A 256 -14.78 -7.31 25.35
C ALA A 256 -13.70 -8.27 25.89
N LEU A 257 -13.66 -9.44 25.28
CA LEU A 257 -12.64 -10.51 25.53
C LEU A 257 -11.54 -10.42 24.47
N TRP A 258 -10.30 -10.20 24.92
CA TRP A 258 -9.07 -10.09 24.08
C TRP A 258 -8.22 -11.35 24.24
N HIS A 259 -7.58 -11.79 23.17
CA HIS A 259 -6.39 -12.69 23.28
C HIS A 259 -5.22 -11.96 22.65
N ILE A 260 -4.12 -11.85 23.38
CA ILE A 260 -2.89 -11.19 22.89
C ILE A 260 -1.74 -12.22 23.05
N TYR A 261 -0.85 -12.22 22.06
CA TYR A 261 0.34 -13.12 21.97
C TYR A 261 1.60 -12.28 21.86
N ALA A 262 2.72 -12.76 22.46
CA ALA A 262 4.03 -12.08 22.38
C ALA A 262 4.48 -11.98 20.91
N ALA A 263 5.08 -10.85 20.54
CA ALA A 263 5.62 -10.57 19.19
C ALA A 263 6.58 -11.70 18.79
N LYS A 264 7.32 -12.28 19.76
CA LYS A 264 8.32 -13.35 19.45
C LYS A 264 7.62 -14.64 18.97
N ASP A 265 6.32 -14.82 19.24
CA ASP A 265 5.55 -16.04 18.92
C ASP A 265 4.79 -15.90 17.58
N ALA A 266 4.87 -14.79 16.86
CA ALA A 266 4.03 -14.59 15.65
C ALA A 266 4.30 -15.69 14.58
N GLU A 267 5.55 -16.10 14.38
CA GLU A 267 5.87 -17.07 13.28
C GLU A 267 5.30 -18.45 13.63
N LYS A 268 5.37 -18.89 14.89
CA LYS A 268 4.75 -20.17 15.30
C LYS A 268 3.24 -20.11 15.06
N ILE A 269 2.61 -18.95 15.33
CA ILE A 269 1.16 -18.81 15.05
C ILE A 269 0.95 -18.94 13.54
N ARG A 270 1.79 -18.33 12.70
CA ARG A 270 1.65 -18.49 11.22
C ARG A 270 1.77 -19.98 10.82
N GLU A 271 2.67 -20.73 11.44
CA GLU A 271 2.87 -22.18 11.12
C GLU A 271 1.59 -22.95 11.45
N LEU A 272 0.98 -22.73 12.63
CA LEU A 272 -0.29 -23.41 12.99
C LEU A 272 -1.36 -23.07 11.94
N LEU A 273 -1.52 -21.77 11.60
CA LEU A 273 -2.64 -21.34 10.72
C LEU A 273 -2.41 -21.84 9.28
N ARG A 274 -1.15 -21.97 8.82
CA ARG A 274 -0.82 -22.61 7.50
C ARG A 274 -1.30 -24.08 7.50
N LYS A 275 -1.06 -24.82 8.58
CA LYS A 275 -1.39 -26.26 8.70
C LYS A 275 -2.91 -26.43 8.75
N VAL A 276 -3.61 -25.59 9.52
CA VAL A 276 -5.10 -25.67 9.62
C VAL A 276 -5.70 -25.25 8.26
N GLY A 277 -5.14 -24.25 7.59
CA GLY A 277 -5.63 -23.80 6.26
C GLY A 277 -5.63 -24.96 5.28
N GLU A 278 -4.52 -25.71 5.26
CA GLU A 278 -4.32 -26.92 4.41
C GLU A 278 -5.36 -27.98 4.82
N GLU A 279 -5.47 -28.30 6.11
CA GLU A 279 -6.44 -29.31 6.62
C GLU A 279 -7.84 -28.95 6.10
N GLN A 280 -8.21 -27.67 6.04
CA GLN A 280 -9.58 -27.24 5.62
C GLN A 280 -9.62 -27.07 4.10
N GLY A 281 -8.62 -27.58 3.38
CA GLY A 281 -8.54 -27.51 1.92
C GLY A 281 -8.56 -26.09 1.39
N GLN A 282 -7.92 -25.13 2.06
CA GLN A 282 -7.47 -23.87 1.40
C GLN A 282 -6.27 -24.25 0.54
N GLU A 283 -5.96 -23.47 -0.50
CA GLU A 283 -4.82 -23.78 -1.41
C GLU A 283 -3.89 -22.57 -1.43
N ASN A 284 -2.83 -22.60 -0.61
CA ASN A 284 -2.04 -21.41 -0.23
C ASN A 284 -0.58 -21.65 -0.54
N PRO A 285 0.16 -20.66 -1.13
CA PRO A 285 1.62 -20.74 -1.23
C PRO A 285 2.21 -21.02 0.15
N PRO A 286 3.36 -21.75 0.26
CA PRO A 286 3.90 -22.16 1.56
C PRO A 286 4.38 -21.00 2.46
N ASP A 287 4.48 -19.79 1.89
CA ASP A 287 5.04 -18.58 2.52
C ASP A 287 3.95 -17.54 2.81
N HIS A 288 2.67 -17.80 2.53
CA HIS A 288 1.60 -16.76 2.66
C HIS A 288 1.44 -16.41 4.15
N ASP A 289 0.93 -15.20 4.43
CA ASP A 289 0.88 -14.64 5.81
C ASP A 289 -0.55 -14.65 6.32
N PRO A 290 -0.98 -15.70 7.06
CA PRO A 290 -2.33 -15.77 7.63
C PRO A 290 -2.63 -14.72 8.70
N ILE A 291 -1.63 -14.19 9.41
CA ILE A 291 -1.87 -13.05 10.37
C ILE A 291 -2.18 -11.79 9.56
N HIS A 292 -1.38 -11.44 8.54
CA HIS A 292 -1.60 -10.20 7.74
C HIS A 292 -2.96 -10.26 7.04
N ASP A 293 -3.42 -11.44 6.65
CA ASP A 293 -4.73 -11.67 5.97
C ASP A 293 -5.91 -11.28 6.86
N GLN A 294 -5.75 -11.34 8.19
CA GLN A 294 -6.79 -10.85 9.15
C GLN A 294 -8.08 -11.66 8.92
N SER A 295 -7.94 -12.94 8.60
CA SER A 295 -9.07 -13.83 8.24
C SER A 295 -9.39 -14.83 9.36
N TRP A 296 -8.54 -15.01 10.38
CA TRP A 296 -8.71 -16.07 11.41
C TRP A 296 -9.15 -15.51 12.79
N TYR A 297 -10.03 -16.23 13.49
CA TYR A 297 -10.32 -16.04 14.95
C TYR A 297 -9.94 -17.32 15.68
N LEU A 298 -9.01 -17.28 16.66
CA LEU A 298 -8.61 -18.49 17.41
C LEU A 298 -9.67 -18.82 18.46
N ASP A 299 -10.50 -19.84 18.18
CA ASP A 299 -11.53 -20.32 19.13
C ASP A 299 -10.89 -21.24 20.18
N GLN A 300 -11.67 -21.79 21.11
CA GLN A 300 -11.11 -22.62 22.20
C GLN A 300 -10.25 -23.77 21.63
N THR A 301 -10.73 -24.44 20.58
CA THR A 301 -10.00 -25.56 19.89
C THR A 301 -8.62 -25.09 19.40
N LEU A 302 -8.59 -24.00 18.64
CA LEU A 302 -7.32 -23.49 18.05
C LEU A 302 -6.39 -22.99 19.16
N ARG A 303 -6.90 -22.37 20.22
CA ARG A 303 -6.02 -21.87 21.31
C ARG A 303 -5.39 -23.05 22.04
N LYS A 304 -6.14 -24.14 22.20
CA LYS A 304 -5.59 -25.35 22.89
C LYS A 304 -4.49 -26.00 22.03
N ARG A 305 -4.73 -26.11 20.73
CA ARG A 305 -3.78 -26.65 19.73
C ARG A 305 -2.49 -25.79 19.69
N LEU A 306 -2.62 -24.47 19.76
CA LEU A 306 -1.46 -23.55 19.73
C LEU A 306 -0.55 -23.88 20.93
N TYR A 307 -1.14 -24.02 22.10
CA TYR A 307 -0.45 -24.34 23.37
C TYR A 307 0.20 -25.73 23.25
N GLU A 308 -0.58 -26.75 22.88
CA GLU A 308 -0.18 -28.19 23.02
C GLU A 308 0.87 -28.53 21.95
N GLU A 309 0.64 -28.09 20.71
CA GLU A 309 1.43 -28.48 19.51
C GLU A 309 2.62 -27.52 19.28
N TYR A 310 2.57 -26.25 19.75
CA TYR A 310 3.61 -25.25 19.40
C TYR A 310 4.23 -24.62 20.65
N GLY A 311 3.72 -24.95 21.82
CA GLY A 311 4.25 -24.41 23.09
C GLY A 311 4.00 -22.92 23.32
N VAL A 312 2.92 -22.36 22.73
CA VAL A 312 2.65 -20.88 22.75
C VAL A 312 1.46 -20.58 23.68
N GLN A 313 1.70 -19.77 24.69
CA GLN A 313 0.67 -19.31 25.67
C GLN A 313 0.39 -17.84 25.36
N GLY A 314 -0.84 -17.40 25.54
CA GLY A 314 -1.16 -15.96 25.40
C GLY A 314 -1.73 -15.40 26.68
N TRP A 315 -2.29 -14.21 26.56
CA TRP A 315 -2.93 -13.48 27.65
C TRP A 315 -4.41 -13.35 27.26
N ALA A 316 -5.29 -13.90 28.07
CA ALA A 316 -6.76 -13.72 27.93
C ALA A 316 -7.16 -12.56 28.82
N ILE A 317 -7.66 -11.46 28.25
CA ILE A 317 -7.88 -10.16 28.95
C ILE A 317 -9.37 -9.79 28.78
N VAL A 318 -10.07 -9.53 29.89
CA VAL A 318 -11.44 -8.94 29.81
C VAL A 318 -11.31 -7.44 30.07
N GLN A 319 -11.70 -6.64 29.07
CA GLN A 319 -11.62 -5.16 29.10
C GLN A 319 -12.99 -4.64 29.58
N PHE A 320 -13.03 -4.07 30.80
CA PHE A 320 -14.25 -3.45 31.40
C PHE A 320 -14.32 -1.97 30.99
N LEU A 321 -15.49 -1.31 31.20
CA LEU A 321 -15.62 0.15 31.07
C LEU A 321 -14.44 0.86 31.78
N GLY A 322 -13.77 1.75 31.07
CA GLY A 322 -12.66 2.58 31.52
C GLY A 322 -11.33 1.83 31.56
N ASP A 323 -11.25 0.58 31.14
CA ASP A 323 -9.91 -0.10 31.04
C ASP A 323 -9.18 0.37 29.76
N ALA A 324 -7.91 0.72 29.90
CA ALA A 324 -6.97 0.99 28.79
C ALA A 324 -6.06 -0.24 28.61
N VAL A 325 -6.08 -0.86 27.43
CA VAL A 325 -5.21 -2.01 27.05
C VAL A 325 -4.02 -1.47 26.27
N PHE A 326 -2.79 -1.68 26.76
CA PHE A 326 -1.53 -1.34 26.07
C PHE A 326 -1.11 -2.55 25.24
N ILE A 327 -1.07 -2.39 23.91
CA ILE A 327 -0.80 -3.51 22.96
C ILE A 327 0.63 -3.33 22.40
N PRO A 328 1.59 -4.21 22.72
CA PRO A 328 2.97 -4.06 22.20
C PRO A 328 3.06 -4.17 20.66
N ALA A 329 3.89 -3.35 20.04
CA ALA A 329 4.22 -3.48 18.60
C ALA A 329 4.57 -4.91 18.23
N GLY A 330 3.99 -5.42 17.16
CA GLY A 330 4.23 -6.77 16.63
C GLY A 330 3.45 -7.89 17.34
N ALA A 331 2.73 -7.60 18.43
CA ALA A 331 2.02 -8.64 19.21
C ALA A 331 0.71 -8.97 18.50
N PRO A 332 0.53 -10.22 17.99
CA PRO A 332 -0.76 -10.64 17.42
C PRO A 332 -1.90 -10.56 18.44
N HIS A 333 -3.07 -10.08 18.02
CA HIS A 333 -4.22 -9.88 18.95
C HIS A 333 -5.55 -9.99 18.18
N GLN A 334 -6.58 -10.44 18.89
CA GLN A 334 -7.98 -10.60 18.42
C GLN A 334 -8.93 -10.11 19.51
N VAL A 335 -10.14 -9.67 19.14
CA VAL A 335 -11.11 -9.03 20.06
C VAL A 335 -12.50 -9.62 19.77
N HIS A 336 -13.22 -10.01 20.84
CA HIS A 336 -14.60 -10.60 20.83
C HIS A 336 -15.48 -9.74 21.76
N ASN A 337 -16.36 -8.89 21.21
CA ASN A 337 -17.23 -8.05 22.05
C ASN A 337 -18.28 -8.92 22.75
N LEU A 338 -18.43 -8.71 24.07
CA LEU A 338 -19.40 -9.45 24.91
C LEU A 338 -20.69 -8.64 24.87
N TYR A 339 -20.59 -7.32 24.99
CA TYR A 339 -21.73 -6.35 24.84
C TYR A 339 -21.36 -5.34 23.75
N SER A 340 -22.27 -4.42 23.40
CA SER A 340 -21.95 -3.31 22.47
C SER A 340 -20.90 -2.37 23.07
N CYS A 341 -19.85 -2.05 22.31
CA CYS A 341 -18.68 -1.30 22.81
C CYS A 341 -18.40 -0.08 21.94
N ILE A 342 -17.97 1.00 22.58
CA ILE A 342 -17.26 2.15 21.96
C ILE A 342 -15.84 2.16 22.52
N LYS A 343 -14.85 1.95 21.65
CA LYS A 343 -13.43 1.97 22.05
C LYS A 343 -12.72 3.05 21.23
N VAL A 344 -11.72 3.73 21.80
CA VAL A 344 -10.89 4.69 21.06
C VAL A 344 -9.40 4.45 21.38
N ALA A 345 -8.58 4.38 20.36
CA ALA A 345 -7.17 3.93 20.47
C ALA A 345 -6.25 4.99 19.86
N GLU A 346 -5.06 5.20 20.44
CA GLU A 346 -4.00 6.08 19.92
C GLU A 346 -2.75 5.24 19.70
N ASP A 347 -2.10 5.38 18.56
CA ASP A 347 -0.80 4.72 18.28
C ASP A 347 0.36 5.56 18.86
N PHE A 348 1.49 4.92 19.15
CA PHE A 348 2.72 5.62 19.62
C PHE A 348 3.90 4.72 19.30
N VAL A 349 5.14 5.23 19.42
CA VAL A 349 6.36 4.42 19.17
C VAL A 349 7.31 4.50 20.35
N SER A 350 7.26 3.52 21.24
CA SER A 350 8.14 3.52 22.42
C SER A 350 9.57 3.13 21.98
N PRO A 351 10.60 3.61 22.69
CA PRO A 351 11.97 3.24 22.34
C PRO A 351 12.20 1.72 22.49
N GLU A 352 11.52 1.09 23.47
CA GLU A 352 11.64 -0.37 23.77
C GLU A 352 11.31 -1.19 22.52
N HIS A 353 10.41 -0.71 21.65
CA HIS A 353 9.80 -1.56 20.57
C HIS A 353 10.05 -0.99 19.17
N VAL A 354 10.97 -0.04 19.02
CA VAL A 354 11.19 0.64 17.71
C VAL A 354 11.68 -0.36 16.65
N LYS A 355 12.33 -1.47 17.00
CA LYS A 355 12.73 -2.55 16.03
C LYS A 355 11.56 -2.98 15.12
N HIS A 356 10.33 -3.03 15.66
CA HIS A 356 9.17 -3.66 14.95
C HIS A 356 8.77 -2.79 13.75
N CYS A 357 9.16 -1.50 13.69
CA CYS A 357 8.76 -0.62 12.55
C CYS A 357 9.96 -0.27 11.65
N PHE A 358 11.14 -0.82 11.91
CA PHE A 358 12.36 -0.60 11.06
C PHE A 358 12.24 -1.32 9.70
N ARG A 359 12.56 -0.63 8.60
CA ARG A 359 12.31 -1.14 7.21
C ARG A 359 13.47 -1.98 6.67
N LEU A 360 14.58 -2.18 7.40
CA LEU A 360 15.71 -3.02 6.88
C LEU A 360 15.97 -4.22 7.80
N THR A 361 16.83 -5.14 7.33
CA THR A 361 17.35 -6.40 7.97
C THR A 361 16.21 -7.15 8.68
N MET B 23 18.60 -2.74 -48.41
CA MET B 23 19.55 -3.70 -47.79
C MET B 23 19.79 -3.32 -46.31
N THR B 24 19.20 -2.22 -45.84
CA THR B 24 19.14 -1.89 -44.39
C THR B 24 18.62 -3.11 -43.64
N SER B 25 19.42 -3.61 -42.68
CA SER B 25 19.03 -4.72 -41.76
C SER B 25 17.80 -4.32 -40.94
N HIS B 26 16.71 -5.07 -41.11
CA HIS B 26 15.42 -4.83 -40.43
C HIS B 26 14.57 -6.09 -40.38
N SER B 27 13.56 -6.10 -39.51
CA SER B 27 12.50 -7.13 -39.42
C SER B 27 11.21 -6.45 -38.93
N TRP B 28 10.11 -7.17 -38.87
CA TRP B 28 8.79 -6.61 -38.50
C TRP B 28 8.27 -7.41 -37.31
N LEU B 29 7.78 -6.76 -36.24
CA LEU B 29 7.17 -7.44 -35.06
C LEU B 29 5.71 -6.99 -34.96
N CYS B 30 5.00 -7.41 -33.91
CA CYS B 30 3.57 -7.06 -33.74
C CYS B 30 2.80 -7.31 -35.05
N ASP B 31 3.04 -8.49 -35.66
CA ASP B 31 2.32 -9.00 -36.86
C ASP B 31 2.45 -7.99 -38.02
N GLY B 32 3.69 -7.53 -38.29
CA GLY B 32 4.03 -6.61 -39.40
C GLY B 32 3.81 -5.13 -39.10
N ARG B 33 3.31 -4.74 -37.92
CA ARG B 33 2.93 -3.33 -37.60
C ARG B 33 4.05 -2.57 -36.84
N LEU B 34 5.18 -3.23 -36.50
CA LEU B 34 6.33 -2.59 -35.78
C LEU B 34 7.64 -2.79 -36.53
N LEU B 35 8.21 -1.70 -37.08
CA LEU B 35 9.56 -1.74 -37.66
C LEU B 35 10.60 -2.02 -36.56
N CYS B 36 11.56 -2.91 -36.81
CA CYS B 36 12.73 -3.17 -35.96
C CYS B 36 14.00 -3.00 -36.79
N LEU B 37 14.78 -1.95 -36.55
CA LEU B 37 16.11 -1.74 -37.21
C LEU B 37 17.22 -2.38 -36.36
N HIS B 38 18.17 -3.09 -36.98
CA HIS B 38 19.14 -3.96 -36.25
C HIS B 38 20.56 -3.41 -36.25
N ASP B 39 20.92 -2.42 -37.08
CA ASP B 39 22.24 -1.74 -36.99
C ASP B 39 22.04 -0.26 -36.63
N PRO B 40 22.34 0.10 -35.36
CA PRO B 40 21.98 1.42 -34.84
C PRO B 40 22.73 2.57 -35.53
N SER B 41 23.88 2.32 -36.15
CA SER B 41 24.70 3.38 -36.82
C SER B 41 24.61 3.29 -38.36
N ASN B 42 23.69 2.53 -38.94
CA ASN B 42 23.50 2.54 -40.42
C ASN B 42 22.96 3.90 -40.87
N LYS B 43 23.72 4.60 -41.72
CA LYS B 43 23.39 5.95 -42.26
C LYS B 43 22.08 5.93 -43.06
N ASN B 44 21.62 4.77 -43.51
CA ASN B 44 20.38 4.62 -44.31
C ASN B 44 19.12 4.30 -43.47
N ASN B 45 19.20 4.23 -42.13
CA ASN B 45 18.03 3.87 -41.25
C ASN B 45 16.79 4.74 -41.53
N TRP B 46 16.97 6.03 -41.84
CA TRP B 46 15.91 7.04 -42.05
C TRP B 46 14.96 6.59 -43.19
N LYS B 47 15.44 5.81 -44.13
CA LYS B 47 14.69 5.47 -45.40
C LYS B 47 13.38 4.76 -45.09
N ILE B 48 13.42 3.69 -44.29
CA ILE B 48 12.21 2.87 -43.94
C ILE B 48 11.51 3.48 -42.71
N PHE B 49 12.30 4.12 -41.84
CA PHE B 49 11.78 4.82 -40.63
C PHE B 49 10.71 5.85 -41.00
N ARG B 50 10.98 6.71 -42.00
CA ARG B 50 10.13 7.85 -42.40
C ARG B 50 8.63 7.49 -42.51
N GLU B 51 8.26 6.47 -43.29
CA GLU B 51 6.84 6.16 -43.55
C GLU B 51 6.16 5.58 -42.30
N CYS B 52 6.86 4.75 -41.49
CA CYS B 52 6.29 4.26 -40.20
C CYS B 52 5.98 5.46 -39.28
N TRP B 53 6.91 6.40 -39.16
CA TRP B 53 6.84 7.58 -38.28
C TRP B 53 5.75 8.53 -38.78
N LYS B 54 5.63 8.70 -40.09
CA LYS B 54 4.53 9.55 -40.65
C LYS B 54 3.16 8.94 -40.33
N GLN B 55 3.02 7.61 -40.32
CA GLN B 55 1.73 6.92 -39.99
C GLN B 55 1.51 6.89 -38.47
N GLY B 56 2.38 7.47 -37.64
CA GLY B 56 2.19 7.60 -36.17
C GLY B 56 2.55 6.33 -35.41
N GLN B 57 3.39 5.47 -35.97
CA GLN B 57 3.81 4.21 -35.31
C GLN B 57 5.06 4.47 -34.47
N PRO B 58 5.18 3.77 -33.32
CA PRO B 58 6.50 3.59 -32.72
C PRO B 58 7.42 2.75 -33.65
N VAL B 59 8.72 2.85 -33.43
CA VAL B 59 9.80 2.08 -34.08
C VAL B 59 10.77 1.63 -32.99
N LEU B 60 11.35 0.45 -33.19
CA LEU B 60 12.39 -0.12 -32.30
C LEU B 60 13.74 -0.20 -33.04
N VAL B 61 14.82 0.20 -32.40
CA VAL B 61 16.22 0.04 -32.91
C VAL B 61 16.99 -0.77 -31.86
N SER B 62 17.55 -1.92 -32.25
CA SER B 62 18.28 -2.83 -31.32
C SER B 62 19.78 -2.57 -31.40
N GLY B 63 20.54 -3.04 -30.42
CA GLY B 63 22.02 -3.04 -30.49
C GLY B 63 22.69 -1.80 -29.90
N VAL B 64 21.96 -0.86 -29.29
CA VAL B 64 22.60 0.41 -28.81
C VAL B 64 23.61 0.13 -27.67
N HIS B 65 23.37 -0.88 -26.85
CA HIS B 65 24.22 -1.31 -25.70
C HIS B 65 25.64 -1.63 -26.16
N LYS B 66 25.76 -2.25 -27.33
CA LYS B 66 27.07 -2.62 -27.92
C LYS B 66 27.87 -1.35 -28.29
N LYS B 67 27.21 -0.21 -28.46
CA LYS B 67 27.90 1.06 -28.83
C LYS B 67 28.41 1.83 -27.58
N LEU B 68 27.88 1.55 -26.38
CA LEU B 68 28.14 2.36 -25.15
C LEU B 68 29.37 1.82 -24.38
N LYS B 69 29.88 2.60 -23.44
CA LYS B 69 30.86 2.14 -22.39
C LYS B 69 30.10 1.45 -21.26
N SER B 70 29.99 0.12 -21.31
CA SER B 70 29.17 -0.71 -20.40
C SER B 70 29.44 -0.39 -18.91
N GLU B 71 30.68 -0.08 -18.54
CA GLU B 71 31.12 0.19 -17.13
C GLU B 71 30.45 1.47 -16.58
N LEU B 72 30.04 2.41 -17.43
CA LEU B 72 29.35 3.65 -16.98
C LEU B 72 27.91 3.32 -16.51
N TRP B 73 27.26 2.29 -17.05
CA TRP B 73 25.80 2.05 -16.95
C TRP B 73 25.51 0.85 -16.05
N LYS B 74 26.18 0.74 -14.88
CA LYS B 74 26.00 -0.38 -13.94
C LYS B 74 25.49 0.14 -12.60
N PRO B 75 24.57 -0.58 -11.92
CA PRO B 75 24.07 -0.12 -10.62
C PRO B 75 25.19 0.19 -9.59
N GLU B 76 26.27 -0.61 -9.55
CA GLU B 76 27.36 -0.46 -8.54
C GLU B 76 28.13 0.85 -8.78
N ALA B 77 28.31 1.27 -10.04
CA ALA B 77 28.97 2.54 -10.40
C ALA B 77 28.12 3.73 -9.93
N PHE B 78 26.80 3.71 -10.14
CA PHE B 78 25.92 4.81 -9.67
C PHE B 78 26.00 4.88 -8.13
N SER B 79 26.04 3.74 -7.45
CA SER B 79 26.10 3.68 -5.96
C SER B 79 27.42 4.28 -5.46
N GLN B 80 28.53 3.84 -6.03
CA GLN B 80 29.88 4.30 -5.61
C GLN B 80 30.04 5.79 -5.89
N GLU B 81 29.56 6.34 -7.02
CA GLU B 81 29.80 7.76 -7.39
C GLU B 81 28.80 8.71 -6.74
N PHE B 82 27.55 8.30 -6.48
CA PHE B 82 26.46 9.25 -6.14
C PHE B 82 25.70 8.79 -4.88
N GLY B 83 26.16 7.72 -4.24
CA GLY B 83 25.40 6.97 -3.22
C GLY B 83 25.12 7.78 -1.95
N ASP B 84 25.87 8.86 -1.66
CA ASP B 84 25.60 9.61 -0.39
C ASP B 84 24.68 10.82 -0.61
N GLN B 85 24.10 10.98 -1.80
CA GLN B 85 23.06 12.00 -2.06
C GLN B 85 21.73 11.60 -1.41
N ASP B 86 20.94 12.60 -1.01
CA ASP B 86 19.59 12.40 -0.41
C ASP B 86 18.55 12.41 -1.54
N VAL B 87 17.50 11.60 -1.40
CA VAL B 87 16.54 11.38 -2.52
C VAL B 87 15.21 10.85 -1.97
N ASP B 88 14.12 11.07 -2.71
CA ASP B 88 12.84 10.38 -2.44
C ASP B 88 12.72 9.15 -3.37
N LEU B 89 12.05 8.11 -2.90
CA LEU B 89 11.64 6.94 -3.72
C LEU B 89 10.12 6.86 -3.77
N VAL B 90 9.60 6.13 -4.74
CA VAL B 90 8.13 5.84 -4.87
C VAL B 90 7.92 4.34 -4.80
N ASN B 91 6.95 3.92 -4.00
CA ASN B 91 6.49 2.51 -3.90
C ASN B 91 5.51 2.31 -5.06
N CYS B 92 5.87 1.48 -6.04
CA CYS B 92 5.12 1.24 -7.29
C CYS B 92 3.77 0.57 -6.99
N ARG B 93 3.65 -0.20 -5.90
CA ARG B 93 2.39 -0.89 -5.54
C ARG B 93 1.31 0.08 -5.05
N ASN B 94 1.67 1.16 -4.33
CA ASN B 94 0.64 2.06 -3.72
C ASN B 94 0.86 3.54 -4.08
N CYS B 95 1.90 3.88 -4.84
CA CYS B 95 2.31 5.27 -5.18
C CYS B 95 2.77 6.08 -3.95
N ALA B 96 3.01 5.47 -2.77
CA ALA B 96 3.49 6.21 -1.58
C ALA B 96 4.92 6.72 -1.82
N ILE B 97 5.26 7.91 -1.28
CA ILE B 97 6.62 8.52 -1.36
C ILE B 97 7.38 8.14 -0.08
N ILE B 98 8.55 7.54 -0.22
CA ILE B 98 9.54 7.32 0.86
C ILE B 98 10.57 8.46 0.80
N SER B 99 10.49 9.45 1.69
CA SER B 99 11.23 10.73 1.55
C SER B 99 12.57 10.67 2.28
N ASP B 100 13.58 11.29 1.66
CA ASP B 100 14.84 11.66 2.33
C ASP B 100 15.60 10.43 2.79
N VAL B 101 15.78 9.46 1.89
CA VAL B 101 16.70 8.33 2.11
C VAL B 101 17.92 8.53 1.21
N LYS B 102 18.83 7.58 1.17
CA LYS B 102 20.11 7.73 0.43
C LYS B 102 19.99 7.04 -0.94
N VAL B 103 20.58 7.63 -1.97
CA VAL B 103 20.67 7.05 -3.34
C VAL B 103 21.23 5.64 -3.20
N ARG B 104 22.20 5.37 -2.29
CA ARG B 104 22.76 4.00 -2.16
C ARG B 104 21.72 2.99 -1.65
N ASP B 105 20.67 3.42 -0.94
CA ASP B 105 19.60 2.51 -0.46
C ASP B 105 18.82 1.96 -1.67
N PHE B 106 18.64 2.76 -2.70
CA PHE B 106 17.97 2.28 -3.93
C PHE B 106 18.88 1.29 -4.66
N TRP B 107 20.12 1.69 -4.98
CA TRP B 107 21.02 0.92 -5.88
C TRP B 107 21.45 -0.40 -5.23
N ASP B 108 21.64 -0.47 -3.91
CA ASP B 108 22.22 -1.69 -3.28
C ASP B 108 21.14 -2.78 -3.19
N GLY B 109 19.85 -2.43 -3.33
CA GLY B 109 18.74 -3.39 -3.46
C GLY B 109 18.35 -3.70 -4.91
N PHE B 110 19.03 -3.11 -5.88
CA PHE B 110 18.61 -3.19 -7.31
C PHE B 110 18.44 -4.66 -7.75
N GLU B 111 19.40 -5.51 -7.38
CA GLU B 111 19.43 -6.95 -7.77
C GLU B 111 19.39 -7.89 -6.57
N ILE B 112 19.70 -7.45 -5.34
CA ILE B 112 19.71 -8.30 -4.10
C ILE B 112 18.43 -8.00 -3.29
N ILE B 113 17.43 -8.86 -3.34
CA ILE B 113 16.07 -8.56 -2.80
C ILE B 113 16.12 -8.38 -1.27
N CYS B 114 16.99 -9.12 -0.59
CA CYS B 114 17.05 -9.15 0.90
C CYS B 114 17.55 -7.78 1.41
N LYS B 115 18.17 -6.95 0.55
CA LYS B 115 18.75 -5.63 0.90
C LYS B 115 17.74 -4.51 0.66
N ARG B 116 16.55 -4.81 0.14
CA ARG B 116 15.54 -3.77 -0.17
C ARG B 116 14.87 -3.23 1.10
N LEU B 117 14.48 -1.95 1.09
CA LEU B 117 13.53 -1.36 2.08
C LEU B 117 12.20 -2.14 2.06
N ARG B 118 11.64 -2.44 3.23
CA ARG B 118 10.39 -3.21 3.43
C ARG B 118 9.19 -2.31 3.71
N SER B 119 8.01 -2.79 3.33
CA SER B 119 6.72 -2.16 3.67
C SER B 119 6.24 -2.63 5.05
N GLU B 120 5.17 -2.00 5.53
CA GLU B 120 4.44 -2.29 6.80
C GLU B 120 4.24 -3.80 6.97
N ASP B 121 4.00 -4.56 5.89
CA ASP B 121 3.63 -6.01 5.87
C ASP B 121 4.87 -6.89 5.93
N GLY B 122 6.07 -6.29 6.05
CA GLY B 122 7.35 -7.02 6.05
C GLY B 122 7.85 -7.44 4.68
N GLN B 123 7.17 -7.09 3.58
CA GLN B 123 7.62 -7.53 2.22
C GLN B 123 8.61 -6.51 1.64
N PRO B 124 9.64 -6.97 0.89
CA PRO B 124 10.50 -6.07 0.10
C PRO B 124 9.66 -5.20 -0.85
N MET B 125 9.95 -3.90 -0.91
CA MET B 125 9.17 -2.99 -1.78
C MET B 125 9.74 -3.04 -3.21
N VAL B 126 8.84 -2.82 -4.16
CA VAL B 126 9.18 -2.51 -5.57
C VAL B 126 9.23 -0.98 -5.69
N LEU B 127 10.44 -0.45 -5.85
CA LEU B 127 10.74 0.99 -5.74
C LEU B 127 11.16 1.59 -7.08
N LYS B 128 10.88 2.88 -7.25
CA LYS B 128 11.52 3.68 -8.32
C LYS B 128 12.15 4.95 -7.75
N LEU B 129 13.28 5.34 -8.33
CA LEU B 129 14.01 6.56 -7.92
C LEU B 129 13.26 7.74 -8.51
N LYS B 130 12.88 8.74 -7.72
CA LYS B 130 12.11 9.91 -8.19
C LYS B 130 13.03 11.11 -8.50
N ASP B 131 12.80 11.80 -9.63
CA ASP B 131 13.45 13.09 -9.96
C ASP B 131 14.98 13.03 -9.74
N TRP B 132 15.65 12.08 -10.38
CA TRP B 132 17.11 11.93 -10.19
C TRP B 132 17.79 11.64 -11.51
N PRO B 133 18.87 12.38 -11.88
CA PRO B 133 19.32 13.58 -11.17
C PRO B 133 18.26 14.67 -11.09
N PRO B 134 18.28 15.59 -10.07
CA PRO B 134 17.24 16.61 -9.93
C PRO B 134 17.17 17.58 -11.12
N GLY B 135 15.95 17.91 -11.56
CA GLY B 135 15.68 18.94 -12.59
C GLY B 135 16.41 18.67 -13.90
N GLU B 136 17.29 19.59 -14.31
CA GLU B 136 18.09 19.54 -15.57
C GLU B 136 19.56 19.33 -15.21
N ASP B 137 19.82 18.63 -14.12
CA ASP B 137 21.20 18.40 -13.60
C ASP B 137 21.94 17.27 -14.34
N PHE B 138 21.30 16.53 -15.26
CA PHE B 138 21.91 15.27 -15.80
C PHE B 138 23.26 15.59 -16.44
N ARG B 139 23.31 16.60 -17.33
CA ARG B 139 24.57 16.97 -18.03
C ARG B 139 25.64 17.46 -17.04
N ASP B 140 25.25 18.24 -16.03
CA ASP B 140 26.16 18.81 -14.99
C ASP B 140 26.64 17.71 -14.05
N MET B 141 25.74 16.86 -13.53
CA MET B 141 26.13 15.78 -12.59
C MET B 141 26.91 14.67 -13.30
N MET B 142 26.59 14.35 -14.56
CA MET B 142 27.08 13.11 -15.23
C MET B 142 27.58 13.43 -16.64
N PRO B 143 28.64 14.25 -16.81
CA PRO B 143 29.06 14.73 -18.13
C PRO B 143 29.58 13.63 -19.08
N THR B 144 30.28 12.63 -18.55
CA THR B 144 30.83 11.53 -19.39
C THR B 144 29.69 10.63 -19.88
N ARG B 145 28.66 10.35 -19.05
CA ARG B 145 27.45 9.59 -19.46
C ARG B 145 26.62 10.40 -20.47
N PHE B 146 26.51 11.71 -20.33
CA PHE B 146 25.83 12.56 -21.33
C PHE B 146 26.51 12.36 -22.71
N GLU B 147 27.85 12.45 -22.76
CA GLU B 147 28.65 12.33 -24.02
C GLU B 147 28.50 10.93 -24.62
N ASP B 148 28.58 9.89 -23.78
CA ASP B 148 28.43 8.47 -24.20
C ASP B 148 27.04 8.24 -24.82
N LEU B 149 25.98 8.74 -24.19
CA LEU B 149 24.60 8.58 -24.74
C LEU B 149 24.47 9.35 -26.06
N MET B 150 24.84 10.64 -26.10
CA MET B 150 24.45 11.51 -27.25
C MET B 150 25.23 11.10 -28.51
N GLU B 151 26.48 10.64 -28.36
CA GLU B 151 27.34 10.20 -29.49
C GLU B 151 26.79 8.91 -30.10
N ASN B 152 25.94 8.15 -29.38
CA ASN B 152 25.56 6.80 -29.82
C ASN B 152 24.06 6.61 -29.98
N LEU B 153 23.25 7.66 -29.89
CA LEU B 153 21.78 7.62 -30.16
C LEU B 153 21.55 7.31 -31.64
N PRO B 154 20.60 6.39 -31.95
CA PRO B 154 20.23 6.09 -33.33
C PRO B 154 19.43 7.25 -33.93
N LEU B 155 19.30 7.23 -35.26
CA LEU B 155 18.64 8.32 -36.04
C LEU B 155 19.10 9.71 -35.56
N PRO B 156 20.42 9.95 -35.62
CA PRO B 156 20.99 11.17 -35.04
C PRO B 156 20.52 12.48 -35.73
N GLU B 157 20.14 12.46 -37.01
CA GLU B 157 19.55 13.67 -37.65
C GLU B 157 18.27 14.09 -36.92
N TYR B 158 17.57 13.13 -36.29
CA TYR B 158 16.30 13.35 -35.57
C TYR B 158 16.58 13.65 -34.09
N THR B 159 17.55 12.95 -33.50
CA THR B 159 17.63 12.81 -32.02
C THR B 159 18.69 13.72 -31.38
N LYS B 160 19.77 14.08 -32.07
CA LYS B 160 20.83 14.96 -31.46
C LYS B 160 20.38 16.43 -31.50
N ARG B 161 20.91 17.27 -30.59
N ARG B 161 20.92 17.26 -30.59
CA ARG B 161 20.48 18.70 -30.48
CA ARG B 161 20.57 18.69 -30.44
C ARG B 161 20.71 19.43 -31.81
C ARG B 161 20.74 19.42 -31.78
N ASP B 162 21.84 19.19 -32.47
CA ASP B 162 22.15 19.89 -33.75
C ASP B 162 21.80 19.03 -34.96
N GLY B 163 20.99 17.97 -34.79
CA GLY B 163 20.50 17.15 -35.91
C GLY B 163 19.79 17.99 -36.98
N ARG B 164 19.97 17.67 -38.26
CA ARG B 164 19.37 18.35 -39.44
C ARG B 164 17.85 18.44 -39.27
N LEU B 165 17.22 17.40 -38.73
CA LEU B 165 15.72 17.35 -38.67
C LEU B 165 15.17 17.44 -37.24
N ASN B 166 15.95 17.93 -36.28
CA ASN B 166 15.52 18.11 -34.86
C ASN B 166 15.08 19.55 -34.63
N LEU B 167 13.78 19.84 -34.74
CA LEU B 167 13.22 21.22 -34.72
C LEU B 167 13.39 21.90 -33.34
N ALA B 168 13.69 21.16 -32.28
CA ALA B 168 13.66 21.65 -30.87
C ALA B 168 14.79 22.65 -30.59
N SER B 169 15.83 22.70 -31.43
CA SER B 169 16.89 23.76 -31.42
C SER B 169 16.59 24.82 -32.48
N ARG B 170 15.87 24.48 -33.55
CA ARG B 170 15.64 25.32 -34.75
C ARG B 170 14.54 26.35 -34.45
N LEU B 171 13.46 25.91 -33.80
CA LEU B 171 12.33 26.77 -33.36
C LEU B 171 12.81 27.69 -32.25
N PRO B 172 12.37 28.97 -32.20
CA PRO B 172 12.67 29.85 -31.07
C PRO B 172 12.20 29.22 -29.75
N SER B 173 12.85 29.61 -28.65
CA SER B 173 12.67 29.02 -27.29
C SER B 173 11.18 29.07 -26.88
N TYR B 174 10.48 30.14 -27.21
CA TYR B 174 8.99 30.19 -27.27
C TYR B 174 8.57 29.25 -28.40
N PHE B 175 7.69 28.28 -28.13
CA PHE B 175 7.15 27.27 -29.09
C PHE B 175 7.58 25.85 -28.67
N VAL B 176 8.64 25.69 -27.84
CA VAL B 176 9.15 24.37 -27.38
C VAL B 176 9.26 24.32 -25.85
N ARG B 177 9.22 23.12 -25.27
CA ARG B 177 9.24 22.89 -23.79
C ARG B 177 10.54 23.41 -23.19
N PRO B 178 10.60 23.62 -21.85
CA PRO B 178 11.80 24.13 -21.17
C PRO B 178 13.11 23.31 -21.29
N ASP B 179 13.48 22.92 -22.51
CA ASP B 179 14.84 22.46 -22.93
C ASP B 179 15.03 20.97 -22.64
N LEU B 180 15.96 20.34 -23.38
CA LEU B 180 16.16 18.86 -23.46
C LEU B 180 17.54 18.49 -22.93
N GLY B 181 17.59 18.01 -21.68
CA GLY B 181 18.65 17.11 -21.19
C GLY B 181 18.10 15.70 -21.03
N PRO B 182 18.94 14.65 -21.04
CA PRO B 182 18.46 13.28 -20.86
C PRO B 182 17.75 13.06 -19.51
N LYS B 183 16.70 12.23 -19.49
CA LYS B 183 15.96 11.87 -18.26
C LYS B 183 16.17 10.37 -18.04
N MET B 184 16.35 9.94 -16.80
CA MET B 184 16.51 8.49 -16.45
C MET B 184 15.19 7.94 -15.96
N TYR B 185 14.95 6.65 -16.17
CA TYR B 185 13.80 5.88 -15.61
C TYR B 185 14.44 4.68 -14.91
N ASN B 186 14.49 4.70 -13.58
CA ASN B 186 15.26 3.75 -12.76
C ASN B 186 14.31 3.09 -11.75
N ALA B 187 14.02 1.80 -11.89
CA ALA B 187 12.99 1.15 -11.04
C ALA B 187 13.22 -0.35 -10.98
N TYR B 188 12.83 -0.96 -9.83
CA TYR B 188 12.86 -2.41 -9.62
C TYR B 188 11.86 -3.09 -10.57
N GLY B 189 12.08 -4.39 -10.76
CA GLY B 189 11.14 -5.29 -11.46
C GLY B 189 9.91 -5.58 -10.60
N LEU B 190 8.74 -5.66 -11.19
CA LEU B 190 7.51 -6.18 -10.54
C LEU B 190 7.60 -7.71 -10.45
N ILE B 191 6.97 -8.34 -9.44
CA ILE B 191 7.38 -9.71 -8.98
C ILE B 191 6.20 -10.69 -8.90
N THR B 192 5.10 -10.32 -8.25
CA THR B 192 4.00 -11.26 -7.89
C THR B 192 2.93 -11.36 -8.97
N ALA B 193 2.05 -12.37 -8.85
CA ALA B 193 0.83 -12.49 -9.69
C ALA B 193 -0.02 -11.23 -9.53
N GLU B 194 -0.14 -10.69 -8.31
CA GLU B 194 -0.97 -9.47 -8.08
C GLU B 194 -0.29 -8.27 -8.76
N ASP B 195 1.04 -8.28 -8.84
CA ASP B 195 1.84 -7.20 -9.49
C ASP B 195 1.59 -7.17 -11.02
N ARG B 196 1.05 -8.24 -11.63
CA ARG B 196 0.84 -8.26 -13.11
C ARG B 196 -0.04 -7.08 -13.54
N ARG B 197 -0.96 -6.62 -12.69
CA ARG B 197 -1.93 -5.55 -13.02
C ARG B 197 -1.38 -4.16 -12.61
N VAL B 198 -0.13 -4.07 -12.16
CA VAL B 198 0.45 -2.80 -11.64
C VAL B 198 1.39 -2.23 -12.73
N GLY B 199 1.39 -0.91 -12.93
CA GLY B 199 2.37 -0.23 -13.82
C GLY B 199 3.62 0.18 -13.05
N THR B 200 4.79 0.11 -13.69
CA THR B 200 6.00 0.86 -13.26
C THR B 200 5.70 2.36 -13.50
N THR B 201 5.28 2.68 -14.72
CA THR B 201 4.81 4.02 -15.11
C THR B 201 3.42 3.85 -15.67
N ASN B 202 2.42 4.54 -15.08
CA ASN B 202 1.01 4.40 -15.46
C ASN B 202 0.77 5.03 -16.82
N LEU B 203 -0.38 4.74 -17.43
CA LEU B 203 -0.76 5.28 -18.76
C LEU B 203 -0.71 6.82 -18.77
N HIS B 204 0.00 7.42 -19.75
CA HIS B 204 0.16 8.88 -19.87
C HIS B 204 0.52 9.23 -21.33
N LEU B 205 0.57 10.52 -21.69
CA LEU B 205 1.24 10.93 -22.97
C LEU B 205 2.27 12.03 -22.67
N ASP B 206 3.19 12.22 -23.62
CA ASP B 206 4.28 13.25 -23.54
C ASP B 206 4.03 14.25 -24.69
N VAL B 207 4.38 15.53 -24.51
CA VAL B 207 4.01 16.62 -25.47
C VAL B 207 5.05 16.72 -26.60
N SER B 208 6.21 16.06 -26.50
CA SER B 208 7.20 16.04 -27.62
C SER B 208 7.44 14.61 -28.08
N ASP B 209 8.12 14.44 -29.22
CA ASP B 209 8.69 13.12 -29.61
C ASP B 209 9.75 12.71 -28.58
N ALA B 210 10.09 11.42 -28.45
CA ALA B 210 11.19 10.95 -27.59
C ALA B 210 11.72 9.63 -28.10
N VAL B 211 12.92 9.31 -27.65
CA VAL B 211 13.52 7.95 -27.73
C VAL B 211 13.95 7.50 -26.35
N ASN B 212 13.57 6.27 -25.97
CA ASN B 212 13.90 5.64 -24.65
C ASN B 212 14.81 4.44 -24.88
N VAL B 213 16.01 4.46 -24.27
CA VAL B 213 17.06 3.43 -24.46
C VAL B 213 17.21 2.58 -23.18
N MET B 214 17.10 1.26 -23.30
CA MET B 214 17.40 0.31 -22.17
C MET B 214 18.92 0.12 -22.06
N VAL B 215 19.57 0.63 -20.99
CA VAL B 215 21.06 0.57 -20.88
C VAL B 215 21.52 -0.52 -19.89
N TYR B 216 20.66 -1.03 -19.02
CA TYR B 216 21.05 -2.11 -18.09
C TYR B 216 19.80 -2.86 -17.61
N VAL B 217 19.89 -4.19 -17.55
CA VAL B 217 18.80 -5.08 -17.05
C VAL B 217 19.38 -5.96 -15.94
N GLY B 218 18.77 -5.86 -14.75
CA GLY B 218 19.26 -6.51 -13.52
C GLY B 218 18.35 -7.64 -13.15
N ILE B 219 18.86 -8.86 -13.26
CA ILE B 219 18.12 -10.10 -12.92
C ILE B 219 18.59 -10.58 -11.55
N PRO B 220 17.73 -10.64 -10.51
CA PRO B 220 18.13 -11.22 -9.21
C PRO B 220 18.26 -12.75 -9.35
N ILE B 221 19.22 -13.41 -8.66
CA ILE B 221 19.23 -14.90 -8.45
C ILE B 221 19.02 -15.22 -6.96
N ALA B 225 15.86 -18.45 -10.33
CA ALA B 225 15.45 -17.87 -11.64
C ALA B 225 13.91 -17.88 -11.75
N HIS B 226 13.22 -17.10 -10.91
CA HIS B 226 11.73 -16.92 -10.93
C HIS B 226 11.33 -16.18 -12.20
N ASP B 227 11.62 -16.77 -13.37
CA ASP B 227 11.15 -16.36 -14.71
C ASP B 227 9.76 -16.96 -14.98
N GLU B 228 9.17 -17.61 -13.96
CA GLU B 228 7.84 -18.27 -14.04
C GLU B 228 6.78 -17.19 -14.34
N GLU B 229 6.57 -16.29 -13.37
CA GLU B 229 5.59 -15.18 -13.44
C GLU B 229 5.92 -14.30 -14.66
N VAL B 230 7.20 -14.15 -14.98
CA VAL B 230 7.67 -13.33 -16.15
C VAL B 230 7.14 -13.93 -17.46
N LEU B 231 7.29 -15.24 -17.73
CA LEU B 231 6.83 -15.82 -19.04
C LEU B 231 5.30 -15.74 -19.15
N LYS B 232 4.58 -15.82 -18.03
CA LYS B 232 3.10 -15.68 -18.01
C LYS B 232 2.71 -14.22 -18.30
N THR B 233 3.41 -13.23 -17.73
CA THR B 233 3.10 -11.78 -17.91
C THR B 233 3.28 -11.39 -19.39
N ILE B 234 4.25 -12.01 -20.07
CA ILE B 234 4.60 -11.77 -21.50
C ILE B 234 3.43 -12.22 -22.37
N ASP B 235 2.91 -13.41 -22.06
CA ASP B 235 1.83 -14.10 -22.80
C ASP B 235 0.50 -13.31 -22.68
N GLU B 236 -0.01 -13.17 -21.46
CA GLU B 236 -1.24 -12.40 -21.15
C GLU B 236 -1.07 -10.95 -21.66
N GLY B 237 0.18 -10.45 -21.63
CA GLY B 237 0.59 -9.11 -22.12
C GLY B 237 0.36 -8.94 -23.62
N ASP B 238 0.17 -10.06 -24.34
CA ASP B 238 -0.24 -10.12 -25.77
C ASP B 238 0.98 -9.88 -26.68
N ALA B 239 2.20 -10.13 -26.20
CA ALA B 239 3.42 -10.16 -27.04
C ALA B 239 3.24 -11.20 -28.17
N ASP B 240 3.96 -11.04 -29.28
CA ASP B 240 3.80 -11.87 -30.50
C ASP B 240 4.67 -13.13 -30.35
N GLU B 241 4.50 -14.16 -31.20
CA GLU B 241 5.06 -15.51 -30.90
C GLU B 241 6.58 -15.51 -31.05
N VAL B 242 7.12 -14.69 -31.96
CA VAL B 242 8.59 -14.54 -32.18
C VAL B 242 9.24 -14.09 -30.87
N THR B 243 8.61 -13.12 -30.18
CA THR B 243 9.09 -12.53 -28.91
C THR B 243 9.06 -13.62 -27.83
N LYS B 244 7.93 -14.32 -27.69
CA LYS B 244 7.76 -15.44 -26.72
C LYS B 244 8.82 -16.52 -26.95
N GLU B 245 8.93 -17.06 -28.15
CA GLU B 245 9.86 -18.19 -28.42
C GLU B 245 11.28 -17.66 -28.27
N ARG B 246 11.47 -16.35 -28.52
CA ARG B 246 12.77 -15.66 -28.44
C ARG B 246 13.38 -15.72 -27.03
N ILE B 247 12.58 -15.60 -25.96
CA ILE B 247 13.12 -15.52 -24.57
C ILE B 247 13.61 -16.90 -24.09
N HIS B 248 13.85 -17.85 -25.01
CA HIS B 248 14.67 -19.07 -24.82
C HIS B 248 15.23 -19.63 -26.15
N ASP B 249 15.41 -18.77 -27.18
CA ASP B 249 16.01 -19.13 -28.50
C ASP B 249 17.48 -18.67 -28.50
N HIS B 250 17.71 -17.45 -28.02
CA HIS B 250 18.97 -16.98 -27.38
C HIS B 250 18.74 -17.05 -25.84
N LYS B 251 19.60 -16.39 -25.06
CA LYS B 251 19.29 -16.01 -23.64
C LYS B 251 19.52 -14.50 -23.47
N GLU B 252 18.64 -13.68 -24.04
CA GLU B 252 18.71 -12.21 -23.93
C GLU B 252 18.21 -11.81 -22.55
N LYS B 253 18.27 -10.50 -22.28
CA LYS B 253 17.75 -9.86 -21.05
C LYS B 253 16.50 -9.08 -21.44
N PRO B 254 15.28 -9.62 -21.23
CA PRO B 254 14.05 -8.82 -21.39
C PRO B 254 13.90 -7.87 -20.19
N GLY B 255 13.69 -6.57 -20.42
CA GLY B 255 13.66 -5.56 -19.34
C GLY B 255 12.25 -5.14 -18.98
N ALA B 256 11.45 -4.77 -19.96
CA ALA B 256 10.15 -4.14 -19.69
C ALA B 256 9.12 -4.44 -20.77
N LEU B 257 7.86 -4.46 -20.36
CA LEU B 257 6.69 -4.63 -21.24
C LEU B 257 6.00 -3.29 -21.40
N TRP B 258 5.96 -2.78 -22.63
CA TRP B 258 5.24 -1.55 -23.02
C TRP B 258 3.91 -1.89 -23.66
N HIS B 259 2.91 -1.06 -23.47
CA HIS B 259 1.77 -0.92 -24.41
C HIS B 259 1.73 0.53 -24.90
N ILE B 260 1.77 0.74 -26.21
CA ILE B 260 1.69 2.08 -26.84
C ILE B 260 0.46 2.14 -27.75
N TYR B 261 -0.26 3.24 -27.71
CA TYR B 261 -1.45 3.54 -28.58
C TYR B 261 -1.16 4.74 -29.50
N ALA B 262 -1.75 4.75 -30.70
CA ALA B 262 -1.69 5.90 -31.64
C ALA B 262 -2.22 7.20 -31.00
N ALA B 263 -1.60 8.35 -31.31
CA ALA B 263 -2.02 9.69 -30.85
C ALA B 263 -3.51 9.91 -31.21
N LYS B 264 -3.95 9.47 -32.38
CA LYS B 264 -5.35 9.69 -32.84
C LYS B 264 -6.35 8.87 -32.00
N ASP B 265 -5.93 7.89 -31.20
CA ASP B 265 -6.85 7.03 -30.39
C ASP B 265 -6.92 7.51 -28.95
N ALA B 266 -6.28 8.63 -28.59
CA ALA B 266 -6.24 9.11 -27.19
C ALA B 266 -7.68 9.34 -26.67
N GLU B 267 -8.54 10.00 -27.45
CA GLU B 267 -9.87 10.48 -26.94
C GLU B 267 -10.79 9.27 -26.74
N LYS B 268 -10.69 8.24 -27.58
CA LYS B 268 -11.44 6.96 -27.38
C LYS B 268 -10.97 6.30 -26.09
N ILE B 269 -9.67 6.39 -25.77
CA ILE B 269 -9.12 5.79 -24.52
C ILE B 269 -9.73 6.57 -23.36
N ARG B 270 -9.85 7.89 -23.50
CA ARG B 270 -10.38 8.76 -22.41
C ARG B 270 -11.87 8.40 -22.18
N GLU B 271 -12.58 8.09 -23.26
CA GLU B 271 -14.03 7.70 -23.19
C GLU B 271 -14.17 6.44 -22.34
N LEU B 272 -13.38 5.40 -22.65
CA LEU B 272 -13.40 4.11 -21.90
C LEU B 272 -13.17 4.38 -20.41
N LEU B 273 -12.09 5.07 -20.01
CA LEU B 273 -11.71 5.20 -18.58
C LEU B 273 -12.65 6.17 -17.83
N ARG B 274 -13.33 7.08 -18.53
CA ARG B 274 -14.43 7.91 -17.93
C ARG B 274 -15.56 6.96 -17.50
N LYS B 275 -15.92 5.99 -18.35
CA LYS B 275 -17.00 5.02 -18.08
C LYS B 275 -16.58 4.14 -16.89
N VAL B 276 -15.43 3.48 -16.99
CA VAL B 276 -14.93 2.48 -15.98
C VAL B 276 -14.81 3.16 -14.62
N GLY B 277 -14.31 4.40 -14.58
CA GLY B 277 -14.21 5.20 -13.34
C GLY B 277 -15.57 5.43 -12.71
N GLU B 278 -16.58 5.70 -13.53
CA GLU B 278 -18.00 5.87 -13.11
C GLU B 278 -18.45 4.54 -12.48
N GLU B 279 -18.23 3.43 -13.19
CA GLU B 279 -18.59 2.05 -12.77
C GLU B 279 -17.89 1.68 -11.44
N GLN B 280 -16.77 2.30 -11.10
CA GLN B 280 -15.94 1.90 -9.93
C GLN B 280 -16.26 2.78 -8.71
N GLY B 281 -16.99 3.87 -8.86
CA GLY B 281 -17.30 4.79 -7.75
C GLY B 281 -17.02 6.23 -8.12
N GLN B 282 -15.84 6.50 -8.70
CA GLN B 282 -15.26 7.85 -8.92
C GLN B 282 -16.36 8.87 -9.28
N GLU B 283 -16.28 10.08 -8.70
CA GLU B 283 -17.06 11.27 -9.09
C GLU B 283 -16.14 12.26 -9.80
N ASN B 284 -16.19 12.25 -11.15
CA ASN B 284 -15.35 13.09 -12.04
C ASN B 284 -16.30 13.84 -12.98
N PRO B 285 -16.03 15.13 -13.30
CA PRO B 285 -16.82 15.85 -14.32
C PRO B 285 -16.72 15.19 -15.69
N PRO B 286 -17.54 15.62 -16.68
CA PRO B 286 -17.46 15.04 -18.03
C PRO B 286 -16.24 15.56 -18.82
N ASP B 287 -15.59 16.61 -18.31
CA ASP B 287 -14.36 17.23 -18.89
C ASP B 287 -13.11 16.39 -18.55
N HIS B 288 -13.20 15.61 -17.47
CA HIS B 288 -12.05 14.98 -16.77
C HIS B 288 -11.17 14.17 -17.74
N ASP B 289 -9.85 14.26 -17.52
CA ASP B 289 -8.81 13.69 -18.45
C ASP B 289 -8.03 12.61 -17.72
N PRO B 290 -8.44 11.34 -17.85
CA PRO B 290 -7.80 10.23 -17.14
C PRO B 290 -6.38 9.89 -17.63
N ILE B 291 -6.03 10.30 -18.85
CA ILE B 291 -4.65 10.15 -19.39
C ILE B 291 -3.79 11.19 -18.67
N HIS B 292 -4.25 12.46 -18.61
CA HIS B 292 -3.57 13.53 -17.83
C HIS B 292 -3.38 13.09 -16.38
N ASP B 293 -4.34 12.36 -15.78
CA ASP B 293 -4.27 11.98 -14.34
C ASP B 293 -3.15 10.99 -14.02
N GLN B 294 -2.62 10.26 -15.02
CA GLN B 294 -1.54 9.25 -14.85
C GLN B 294 -1.87 8.28 -13.70
N SER B 295 -3.13 7.83 -13.59
CA SER B 295 -3.64 7.01 -12.45
C SER B 295 -4.08 5.60 -12.87
N TRP B 296 -4.10 5.27 -14.17
CA TRP B 296 -4.57 3.96 -14.74
C TRP B 296 -3.42 3.12 -15.29
N TYR B 297 -3.46 1.82 -15.04
CA TYR B 297 -2.71 0.80 -15.84
C TYR B 297 -3.72 -0.12 -16.52
N LEU B 298 -3.70 -0.17 -17.86
CA LEU B 298 -4.62 -1.04 -18.65
C LEU B 298 -4.17 -2.51 -18.53
N ASP B 299 -4.84 -3.28 -17.64
CA ASP B 299 -4.59 -4.74 -17.46
C ASP B 299 -5.22 -5.51 -18.62
N GLN B 300 -5.12 -6.84 -18.63
CA GLN B 300 -5.63 -7.63 -19.79
C GLN B 300 -7.14 -7.39 -19.97
N THR B 301 -7.89 -7.30 -18.87
CA THR B 301 -9.36 -7.07 -18.95
C THR B 301 -9.60 -5.75 -19.67
N LEU B 302 -8.90 -4.68 -19.27
CA LEU B 302 -9.16 -3.32 -19.82
C LEU B 302 -8.72 -3.24 -21.29
N ARG B 303 -7.59 -3.84 -21.67
CA ARG B 303 -7.07 -3.82 -23.07
C ARG B 303 -8.07 -4.54 -24.00
N LYS B 304 -8.65 -5.65 -23.54
CA LYS B 304 -9.62 -6.44 -24.37
C LYS B 304 -10.88 -5.63 -24.61
N ARG B 305 -11.43 -5.03 -23.56
CA ARG B 305 -12.61 -4.14 -23.60
C ARG B 305 -12.36 -2.92 -24.50
N LEU B 306 -11.15 -2.32 -24.49
CA LEU B 306 -10.78 -1.18 -25.37
C LEU B 306 -10.88 -1.66 -26.83
N TYR B 307 -10.37 -2.85 -27.14
CA TYR B 307 -10.43 -3.38 -28.52
C TYR B 307 -11.88 -3.63 -28.94
N GLU B 308 -12.59 -4.43 -28.14
N GLU B 308 -12.63 -4.41 -28.14
CA GLU B 308 -14.00 -4.87 -28.37
CA GLU B 308 -14.00 -4.86 -28.47
C GLU B 308 -14.91 -3.65 -28.53
C GLU B 308 -14.96 -3.66 -28.53
N GLU B 309 -14.94 -2.78 -27.52
CA GLU B 309 -15.91 -1.65 -27.44
C GLU B 309 -15.54 -0.48 -28.36
N TYR B 310 -14.26 -0.14 -28.57
CA TYR B 310 -13.88 1.11 -29.30
C TYR B 310 -13.04 0.84 -30.56
N GLY B 311 -12.63 -0.42 -30.83
CA GLY B 311 -11.83 -0.78 -32.02
C GLY B 311 -10.34 -0.43 -31.89
N VAL B 312 -9.86 -0.07 -30.69
CA VAL B 312 -8.44 0.42 -30.51
C VAL B 312 -7.56 -0.75 -30.08
N GLN B 313 -6.49 -1.01 -30.83
CA GLN B 313 -5.67 -2.23 -30.69
C GLN B 313 -4.43 -1.97 -29.82
N GLY B 314 -3.50 -1.12 -30.23
CA GLY B 314 -2.24 -0.89 -29.48
C GLY B 314 -1.10 -1.84 -29.85
N TRP B 315 0.14 -1.45 -29.53
CA TRP B 315 1.39 -2.23 -29.78
C TRP B 315 1.89 -2.78 -28.45
N ALA B 316 2.06 -4.10 -28.30
CA ALA B 316 2.67 -4.71 -27.09
C ALA B 316 4.13 -5.01 -27.41
N ILE B 317 5.04 -4.29 -26.76
CA ILE B 317 6.50 -4.30 -27.03
C ILE B 317 7.26 -4.76 -25.79
N VAL B 318 8.09 -5.77 -25.97
CA VAL B 318 9.15 -6.15 -25.00
C VAL B 318 10.47 -5.46 -25.38
N GLN B 319 10.95 -4.60 -24.49
CA GLN B 319 12.23 -3.85 -24.63
C GLN B 319 13.30 -4.67 -23.91
N PHE B 320 14.28 -5.19 -24.67
CA PHE B 320 15.46 -5.96 -24.21
C PHE B 320 16.61 -4.99 -24.00
N LEU B 321 17.68 -5.44 -23.38
CA LEU B 321 18.93 -4.64 -23.23
C LEU B 321 19.38 -4.10 -24.60
N GLY B 322 19.67 -2.79 -24.68
CA GLY B 322 20.13 -2.06 -25.87
C GLY B 322 19.02 -1.67 -26.83
N ASP B 323 17.76 -2.02 -26.57
CA ASP B 323 16.60 -1.63 -27.43
C ASP B 323 16.24 -0.15 -27.18
N ALA B 324 16.16 0.64 -28.25
CA ALA B 324 15.68 2.03 -28.25
C ALA B 324 14.27 2.08 -28.81
N VAL B 325 13.31 2.56 -28.00
CA VAL B 325 11.89 2.71 -28.38
C VAL B 325 11.61 4.18 -28.74
N PHE B 326 11.20 4.40 -30.00
CA PHE B 326 10.77 5.75 -30.50
C PHE B 326 9.28 5.92 -30.24
N ILE B 327 8.91 6.97 -29.51
CA ILE B 327 7.53 7.27 -29.01
C ILE B 327 7.03 8.55 -29.68
N PRO B 328 6.03 8.51 -30.59
CA PRO B 328 5.43 9.71 -31.17
C PRO B 328 4.81 10.65 -30.12
N ALA B 329 5.02 11.97 -30.27
CA ALA B 329 4.30 13.00 -29.48
C ALA B 329 2.81 12.63 -29.40
N GLY B 330 2.25 12.60 -28.20
CA GLY B 330 0.80 12.40 -28.02
C GLY B 330 0.40 10.93 -28.01
N ALA B 331 1.30 9.99 -28.26
CA ALA B 331 0.94 8.54 -28.24
C ALA B 331 0.84 8.12 -26.78
N PRO B 332 -0.35 7.73 -26.25
CA PRO B 332 -0.42 7.20 -24.88
C PRO B 332 0.37 5.91 -24.73
N HIS B 333 1.03 5.78 -23.58
CA HIS B 333 1.87 4.61 -23.30
C HIS B 333 1.92 4.34 -21.78
N GLN B 334 2.18 3.08 -21.46
CA GLN B 334 2.39 2.55 -20.08
C GLN B 334 3.56 1.58 -20.11
N VAL B 335 4.27 1.45 -18.98
CA VAL B 335 5.45 0.56 -18.85
C VAL B 335 5.35 -0.33 -17.59
N HIS B 336 5.67 -1.60 -17.75
CA HIS B 336 5.68 -2.63 -16.67
C HIS B 336 7.04 -3.32 -16.65
N ASN B 337 7.92 -3.00 -15.68
CA ASN B 337 9.25 -3.63 -15.61
C ASN B 337 9.12 -5.11 -15.18
N LEU B 338 9.71 -6.00 -15.97
CA LEU B 338 9.79 -7.46 -15.78
C LEU B 338 10.97 -7.77 -14.87
N TYR B 339 12.07 -7.02 -14.99
CA TYR B 339 13.25 -7.08 -14.08
C TYR B 339 13.63 -5.64 -13.73
N SER B 340 14.67 -5.46 -12.90
CA SER B 340 15.17 -4.11 -12.56
C SER B 340 15.80 -3.50 -13.82
N CYS B 341 15.39 -2.27 -14.15
CA CYS B 341 15.85 -1.56 -15.39
C CYS B 341 16.47 -0.19 -15.08
N ILE B 342 17.58 0.11 -15.79
CA ILE B 342 18.07 1.48 -16.05
C ILE B 342 17.74 1.88 -17.50
N LYS B 343 16.92 2.91 -17.68
CA LYS B 343 16.57 3.45 -19.04
C LYS B 343 16.95 4.93 -19.07
N VAL B 344 17.37 5.48 -20.24
CA VAL B 344 17.63 6.90 -20.42
C VAL B 344 16.92 7.33 -21.71
N ALA B 345 16.23 8.47 -21.67
CA ALA B 345 15.36 8.99 -22.75
C ALA B 345 15.77 10.41 -23.13
N GLU B 346 15.67 10.74 -24.42
CA GLU B 346 15.93 12.12 -24.93
C GLU B 346 14.72 12.58 -25.71
N ASP B 347 14.20 13.78 -25.41
CA ASP B 347 13.07 14.39 -26.16
C ASP B 347 13.62 15.08 -27.43
N PHE B 348 12.80 15.17 -28.47
CA PHE B 348 13.11 15.89 -29.74
C PHE B 348 11.80 16.35 -30.40
N VAL B 349 11.91 17.15 -31.48
CA VAL B 349 10.72 17.59 -32.27
C VAL B 349 10.98 17.28 -33.75
N SER B 350 10.32 16.25 -34.31
CA SER B 350 10.39 15.95 -35.77
C SER B 350 9.44 16.83 -36.58
N PRO B 351 9.81 17.15 -37.84
CA PRO B 351 8.90 17.85 -38.76
C PRO B 351 7.55 17.13 -38.96
N GLU B 352 7.57 15.80 -39.01
CA GLU B 352 6.39 14.92 -39.26
C GLU B 352 5.34 15.18 -38.17
N HIS B 353 5.74 15.54 -36.94
CA HIS B 353 4.85 15.65 -35.78
C HIS B 353 4.72 17.08 -35.19
N VAL B 354 5.29 18.12 -35.81
CA VAL B 354 5.32 19.48 -35.18
C VAL B 354 3.88 20.02 -35.06
N LYS B 355 3.00 19.65 -35.99
CA LYS B 355 1.56 20.05 -35.96
C LYS B 355 0.94 19.56 -34.65
N HIS B 356 0.94 18.25 -34.41
CA HIS B 356 0.39 17.61 -33.18
C HIS B 356 1.03 18.25 -31.94
N CYS B 357 2.35 18.42 -31.95
CA CYS B 357 3.18 18.87 -30.81
C CYS B 357 2.73 20.26 -30.32
N PHE B 358 2.53 21.21 -31.23
CA PHE B 358 2.18 22.62 -30.92
C PHE B 358 0.87 22.67 -30.11
N ARG B 359 -0.11 21.85 -30.47
CA ARG B 359 -1.46 21.84 -29.81
C ARG B 359 -1.31 21.21 -28.42
N LEU B 360 -0.44 20.21 -28.23
CA LEU B 360 -0.15 19.58 -26.91
C LEU B 360 0.51 20.61 -25.97
N THR B 361 1.35 21.48 -26.53
CA THR B 361 2.01 22.61 -25.80
C THR B 361 0.93 23.62 -25.39
N GLN B 362 0.02 23.95 -26.32
CA GLN B 362 -1.11 24.91 -26.15
C GLN B 362 -2.06 24.46 -25.03
N GLU B 363 -2.44 23.18 -25.01
CA GLU B 363 -3.39 22.60 -24.01
C GLU B 363 -2.70 22.52 -22.63
N PHE B 364 -1.41 22.17 -22.61
CA PHE B 364 -0.58 22.06 -21.38
C PHE B 364 -0.49 23.43 -20.70
N ARG B 365 -0.20 24.48 -21.48
CA ARG B 365 0.02 25.86 -20.97
C ARG B 365 -1.31 26.45 -20.48
N HIS B 366 -2.42 26.14 -21.18
CA HIS B 366 -3.77 26.65 -20.83
C HIS B 366 -4.14 26.22 -19.40
N LEU B 367 -3.91 24.96 -19.06
CA LEU B 367 -4.18 24.40 -17.70
C LEU B 367 -3.22 25.04 -16.68
N SER B 368 -2.02 25.44 -17.12
CA SER B 368 -0.97 26.08 -16.27
C SER B 368 -1.31 27.56 -16.05
N ASN B 369 -2.17 27.86 -15.07
CA ASN B 369 -2.60 29.23 -14.68
C ASN B 369 -3.89 29.14 -13.86
CL CL C . 4.61 8.50 31.64
CL CL D . -16.56 16.83 19.52
CL CL E . -11.46 -8.17 11.30
CL CL F . 9.66 -6.63 21.49
MN MN G . -5.20 -4.04 16.43
N1 SNQ H . -3.38 29.87 -28.36
C4 SNQ H . -1.05 29.59 -27.87
C5 SNQ H . 0.16 28.97 -28.11
C6 SNQ H . 0.31 28.06 -29.18
C7 SNQ H . 2.38 26.91 -28.34
C8 SNQ H . 3.49 26.34 -28.90
C10 SNQ H . 2.22 27.15 -30.61
N SNQ H . 1.58 27.41 -29.38
C SNQ H . -0.75 26.88 -31.10
C1 SNQ H . -0.81 27.79 -30.01
C2 SNQ H . -2.05 28.43 -29.76
C3 SNQ H . -2.17 29.31 -28.68
C9 SNQ H . 3.41 26.49 -30.31
N2 SNQ H . -0.73 26.15 -31.99
CL CL I . 29.46 10.88 -15.63
MN MN J . 6.38 8.76 -21.25
#